data_8BW8
#
_entry.id   8BW8
#
_cell.length_a   131.907
_cell.length_b   131.907
_cell.length_c   71.465
_cell.angle_alpha   90.000
_cell.angle_beta   90.000
_cell.angle_gamma   120.000
#
_symmetry.space_group_name_H-M   'P 31'
#
loop_
_entity.id
_entity.type
_entity.pdbx_description
1 polymer 'Protein aveugle'
2 polymer 'Connector enhancer of KSR protein CNK'
3 non-polymer GLYCEROL
4 water water
#
loop_
_entity_poly.entity_id
_entity_poly.type
_entity_poly.pdbx_seq_one_letter_code
_entity_poly.pdbx_strand_id
1 'polypeptide(L)'
;GAMDPGEETINSTQNKTRTKTTRPKAVYLWTVSDVLKWYRRHCGEYTQYEQLFAQHDITGRALLRITDSSLQRMGVTDNR
DREAIWREIVKQRLKTDIMEIRDMERLNIY
;
A,C,E
2 'polypeptide(L)'
;GAMDPMAYINIAEWTPDQVTDWIKGLDESMKGYLYEFSKQEIGGRALLNIRPYELENLGMLRIGHQEIVLEAVENLRNFH
YHLKNDNLQFMALHVATAAKNLHRELARNHAESTKIDTRILHDITRTIATLKPLVGSLERTPFRKQEMYREYCGNVLKCG
LELATIAHRDRFALQPVPAIRQSAERLENLANFVIQDISDPMVLQPASLNLVTLKKRESELGFNIESSYNGIHRVTDIKY
NSPAHNSGKIEDGDEIVQINYQTVVGWQHRTVLEHLREALPDVVLTVKKRPKHTKMFGQIYMQPYRLPSKKRNMAARWAA
QMPSPRAAFLTLDTE
;
B,D,F
#
# COMPACT_ATOMS: atom_id res chain seq x y z
N PRO A 24 -9.94 -1.12 13.44
CA PRO A 24 -9.67 -2.24 12.53
C PRO A 24 -10.20 -3.56 13.08
N LYS A 25 -11.30 -3.51 13.83
CA LYS A 25 -11.82 -4.69 14.47
C LYS A 25 -12.29 -5.70 13.43
N ALA A 26 -11.83 -6.95 13.57
CA ALA A 26 -12.22 -8.00 12.64
C ALA A 26 -13.72 -8.20 12.68
N VAL A 27 -14.29 -8.54 11.52
CA VAL A 27 -15.74 -8.64 11.38
C VAL A 27 -16.31 -9.68 12.34
N TYR A 28 -15.62 -10.80 12.52
CA TYR A 28 -16.15 -11.85 13.39
C TYR A 28 -16.28 -11.42 14.84
N LEU A 29 -15.70 -10.29 15.21
CA LEU A 29 -15.86 -9.72 16.55
C LEU A 29 -16.96 -8.67 16.62
N TRP A 30 -17.57 -8.31 15.49
CA TRP A 30 -18.55 -7.24 15.47
C TRP A 30 -19.80 -7.63 16.27
N THR A 31 -20.25 -6.74 17.13
CA THR A 31 -21.53 -6.91 17.81
C THR A 31 -22.66 -6.55 16.85
N VAL A 32 -23.89 -6.73 17.32
CA VAL A 32 -25.04 -6.30 16.52
C VAL A 32 -24.99 -4.79 16.29
N SER A 33 -24.58 -4.04 17.32
CA SER A 33 -24.44 -2.59 17.16
C SER A 33 -23.41 -2.23 16.10
N ASP A 34 -22.30 -2.97 16.06
CA ASP A 34 -21.30 -2.74 15.02
C ASP A 34 -21.87 -2.99 13.62
N VAL A 35 -22.67 -4.05 13.49
CA VAL A 35 -23.28 -4.36 12.19
C VAL A 35 -24.24 -3.25 11.77
N LEU A 36 -25.04 -2.74 12.72
CA LEU A 36 -25.97 -1.66 12.39
C LEU A 36 -25.24 -0.41 11.93
N LYS A 37 -24.13 -0.07 12.59
CA LYS A 37 -23.33 1.07 12.15
C LYS A 37 -22.75 0.82 10.76
N TRP A 38 -22.29 -0.41 10.50
CA TRP A 38 -21.82 -0.76 9.17
C TRP A 38 -22.94 -0.63 8.13
N TYR A 39 -24.15 -1.07 8.49
CA TYR A 39 -25.26 -1.04 7.54
C TYR A 39 -25.61 0.39 7.15
N ARG A 40 -25.63 1.30 8.12
CA ARG A 40 -25.90 2.70 7.81
C ARG A 40 -24.84 3.29 6.89
N ARG A 41 -23.59 2.86 7.05
CA ARG A 41 -22.51 3.42 6.25
C ARG A 41 -22.55 2.92 4.81
N HIS A 42 -22.84 1.64 4.61
CA HIS A 42 -22.75 1.04 3.28
C HIS A 42 -24.09 0.75 2.62
N CYS A 43 -25.18 0.71 3.38
CA CYS A 43 -26.52 0.48 2.84
C CYS A 43 -27.45 1.63 3.21
N GLY A 44 -26.94 2.86 3.11
CA GLY A 44 -27.69 4.04 3.53
C GLY A 44 -28.93 4.32 2.72
N GLU A 45 -28.99 3.85 1.48
CA GLU A 45 -30.18 4.03 0.65
C GLU A 45 -31.25 2.99 0.94
N TYR A 46 -31.03 2.13 1.93
CA TYR A 46 -31.91 1.02 2.27
C TYR A 46 -32.15 0.98 3.77
N THR A 47 -32.38 2.16 4.36
CA THR A 47 -32.53 2.26 5.81
C THR A 47 -33.72 1.49 6.34
N GLN A 48 -34.72 1.21 5.51
CA GLN A 48 -35.93 0.53 5.96
C GLN A 48 -35.69 -0.89 6.44
N TYR A 49 -34.59 -1.53 6.03
CA TYR A 49 -34.29 -2.89 6.44
C TYR A 49 -33.32 -2.97 7.61
N GLU A 50 -32.91 -1.83 8.16
CA GLU A 50 -31.92 -1.83 9.24
C GLU A 50 -32.42 -2.59 10.46
N GLN A 51 -33.69 -2.41 10.81
CA GLN A 51 -34.25 -3.08 11.97
C GLN A 51 -34.28 -4.59 11.83
N LEU A 52 -34.27 -5.11 10.60
CA LEU A 52 -34.21 -6.55 10.40
C LEU A 52 -32.92 -7.14 10.96
N PHE A 53 -31.80 -6.45 10.77
CA PHE A 53 -30.53 -6.96 11.27
C PHE A 53 -30.51 -6.96 12.80
N ALA A 54 -31.13 -5.96 13.43
CA ALA A 54 -31.20 -5.93 14.88
C ALA A 54 -32.14 -7.01 15.42
N GLN A 55 -33.30 -7.18 14.78
CA GLN A 55 -34.28 -8.14 15.29
C GLN A 55 -33.80 -9.58 15.16
N HIS A 56 -32.97 -9.87 14.17
CA HIS A 56 -32.46 -11.21 13.93
C HIS A 56 -31.10 -11.46 14.57
N ASP A 57 -30.59 -10.51 15.37
CA ASP A 57 -29.30 -10.62 16.03
C ASP A 57 -28.19 -10.94 15.03
N ILE A 58 -28.12 -10.15 13.96
CA ILE A 58 -27.05 -10.28 12.98
C ILE A 58 -25.77 -9.69 13.56
N THR A 59 -24.99 -10.53 14.24
CA THR A 59 -23.66 -10.15 14.66
C THR A 59 -22.71 -10.15 13.46
N GLY A 60 -21.44 -9.84 13.72
CA GLY A 60 -20.44 -9.99 12.66
C GLY A 60 -20.30 -11.43 12.21
N ARG A 61 -20.34 -12.38 13.16
CA ARG A 61 -20.31 -13.79 12.80
C ARG A 61 -21.48 -14.15 11.89
N ALA A 62 -22.68 -13.62 12.18
CA ALA A 62 -23.83 -13.90 11.34
C ALA A 62 -23.70 -13.21 9.98
N LEU A 63 -23.13 -12.01 9.96
CA LEU A 63 -22.97 -11.27 8.70
C LEU A 63 -22.09 -12.04 7.72
N LEU A 64 -21.13 -12.80 8.23
CA LEU A 64 -20.26 -13.60 7.36
C LEU A 64 -20.94 -14.85 6.81
N ARG A 65 -22.11 -15.21 7.33
CA ARG A 65 -22.83 -16.39 6.86
C ARG A 65 -24.14 -16.08 6.16
N ILE A 66 -24.60 -14.83 6.18
CA ILE A 66 -25.83 -14.46 5.48
C ILE A 66 -25.67 -14.73 3.98
N THR A 67 -26.74 -15.25 3.38
CA THR A 67 -26.80 -15.42 1.93
C THR A 67 -27.97 -14.62 1.38
N ASP A 68 -28.07 -14.61 0.05
CA ASP A 68 -29.23 -14.03 -0.62
C ASP A 68 -30.52 -14.66 -0.14
N SER A 69 -30.49 -15.98 0.10
CA SER A 69 -31.69 -16.69 0.55
C SER A 69 -32.12 -16.23 1.94
N SER A 70 -31.18 -16.08 2.86
CA SER A 70 -31.53 -15.68 4.22
C SER A 70 -32.01 -14.23 4.27
N LEU A 71 -31.54 -13.39 3.35
CA LEU A 71 -32.08 -12.03 3.26
C LEU A 71 -33.54 -12.06 2.83
N GLN A 72 -33.89 -12.93 1.87
CA GLN A 72 -35.29 -13.11 1.50
C GLN A 72 -36.10 -13.56 2.71
N ARG A 73 -35.59 -14.55 3.44
CA ARG A 73 -36.30 -15.08 4.61
C ARG A 73 -36.45 -14.03 5.70
N MET A 74 -35.47 -13.13 5.83
CA MET A 74 -35.58 -12.03 6.79
C MET A 74 -36.69 -11.05 6.40
N GLY A 75 -37.01 -10.95 5.11
CA GLY A 75 -38.07 -10.06 4.68
C GLY A 75 -37.66 -9.02 3.65
N VAL A 76 -36.41 -9.10 3.17
CA VAL A 76 -35.96 -8.22 2.11
C VAL A 76 -36.48 -8.76 0.79
N THR A 77 -37.74 -8.45 0.47
CA THR A 77 -38.43 -9.09 -0.64
C THR A 77 -38.08 -8.47 -1.97
N ASP A 78 -37.91 -7.15 -2.01
CA ASP A 78 -37.60 -6.46 -3.26
C ASP A 78 -36.27 -6.96 -3.83
N ASN A 79 -36.30 -7.39 -5.10
CA ASN A 79 -35.12 -7.99 -5.71
C ASN A 79 -34.00 -6.96 -5.86
N ARG A 80 -34.32 -5.72 -6.25
CA ARG A 80 -33.30 -4.71 -6.41
C ARG A 80 -32.69 -4.31 -5.06
N ASP A 81 -33.52 -4.11 -4.05
CA ASP A 81 -33.02 -3.81 -2.71
C ASP A 81 -32.15 -4.93 -2.18
N ARG A 82 -32.60 -6.18 -2.33
CA ARG A 82 -31.85 -7.30 -1.79
C ARG A 82 -30.52 -7.48 -2.51
N GLU A 83 -30.51 -7.34 -3.83
CA GLU A 83 -29.26 -7.47 -4.59
C GLU A 83 -28.24 -6.43 -4.14
N ALA A 84 -28.68 -5.20 -3.91
CA ALA A 84 -27.77 -4.15 -3.45
C ALA A 84 -27.22 -4.46 -2.07
N ILE A 85 -28.08 -4.90 -1.14
CA ILE A 85 -27.62 -5.23 0.19
C ILE A 85 -26.72 -6.47 0.16
N TRP A 86 -27.13 -7.49 -0.59
CA TRP A 86 -26.32 -8.70 -0.71
C TRP A 86 -24.94 -8.40 -1.29
N ARG A 87 -24.87 -7.45 -2.22
CA ARG A 87 -23.57 -7.10 -2.79
C ARG A 87 -22.66 -6.43 -1.76
N GLU A 88 -23.22 -5.59 -0.89
CA GLU A 88 -22.42 -4.96 0.15
C GLU A 88 -21.88 -5.99 1.13
N ILE A 89 -22.71 -6.97 1.49
CA ILE A 89 -22.26 -8.02 2.40
C ILE A 89 -21.13 -8.83 1.77
N VAL A 90 -21.27 -9.18 0.49
CA VAL A 90 -20.22 -9.93 -0.19
C VAL A 90 -18.95 -9.10 -0.30
N LYS A 91 -19.09 -7.80 -0.58
CA LYS A 91 -17.91 -6.93 -0.67
C LYS A 91 -17.21 -6.84 0.68
N GLN A 92 -17.98 -6.81 1.78
CA GLN A 92 -17.35 -6.81 3.10
C GLN A 92 -16.61 -8.13 3.37
N ARG A 93 -17.13 -9.25 2.86
CA ARG A 93 -16.42 -10.51 3.00
C ARG A 93 -15.10 -10.48 2.24
N LEU A 94 -15.10 -9.87 1.05
CA LEU A 94 -13.85 -9.74 0.29
C LEU A 94 -12.85 -8.88 1.04
N LYS A 95 -13.30 -7.78 1.66
CA LYS A 95 -12.40 -6.98 2.48
C LYS A 95 -11.81 -7.80 3.61
N THR A 96 -12.67 -8.56 4.30
CA THR A 96 -12.19 -9.43 5.38
C THR A 96 -11.26 -10.52 4.83
N ASP A 97 -11.57 -11.04 3.63
CA ASP A 97 -10.70 -12.03 3.01
C ASP A 97 -9.30 -11.46 2.77
N ILE A 98 -9.22 -10.25 2.22
CA ILE A 98 -7.92 -9.63 1.96
C ILE A 98 -7.15 -9.45 3.26
N MET A 99 -7.83 -9.00 4.32
CA MET A 99 -7.17 -8.84 5.61
C MET A 99 -6.65 -10.17 6.13
N GLU A 100 -7.44 -11.23 6.01
CA GLU A 100 -7.04 -12.54 6.52
C GLU A 100 -5.92 -13.14 5.68
N ILE A 101 -5.93 -12.91 4.36
CA ILE A 101 -4.86 -13.42 3.51
C ILE A 101 -3.53 -12.76 3.88
N ARG A 102 -3.56 -11.46 4.16
CA ARG A 102 -2.33 -10.77 4.55
C ARG A 102 -1.85 -11.25 5.92
N ASP A 103 -2.77 -11.56 6.83
CA ASP A 103 -2.37 -12.14 8.10
C ASP A 103 -1.74 -13.51 7.92
N MET A 104 -2.31 -14.34 7.04
CA MET A 104 -1.71 -15.63 6.74
C MET A 104 -0.38 -15.49 6.01
N GLU A 105 -0.24 -14.46 5.18
CA GLU A 105 1.02 -14.22 4.50
C GLU A 105 2.11 -13.85 5.51
N ARG A 106 1.77 -13.03 6.50
CA ARG A 106 2.74 -12.70 7.54
C ARG A 106 3.06 -13.92 8.40
N LEU A 107 2.08 -14.81 8.59
CA LEU A 107 2.36 -16.01 9.37
C LEU A 107 3.24 -17.00 8.62
N ASN A 108 3.25 -16.94 7.28
CA ASN A 108 4.11 -17.83 6.51
C ASN A 108 5.54 -17.32 6.41
N ILE A 109 5.74 -16.02 6.63
CA ILE A 109 7.07 -15.42 6.54
C ILE A 109 7.77 -15.45 7.88
N TYR A 110 7.12 -14.93 8.92
CA TYR A 110 7.66 -14.95 10.28
C TYR A 110 7.93 -16.38 10.75
N TYR B 8 -15.88 -43.90 22.51
CA TYR B 8 -16.63 -43.80 21.28
C TYR B 8 -17.21 -42.41 21.09
N ILE B 9 -16.88 -41.78 19.95
CA ILE B 9 -17.42 -40.47 19.63
C ILE B 9 -18.36 -40.60 18.43
N ASN B 10 -19.46 -41.33 18.62
CA ASN B 10 -20.46 -41.48 17.56
C ASN B 10 -21.51 -40.39 17.78
N ILE B 11 -21.29 -39.24 17.14
CA ILE B 11 -22.20 -38.11 17.31
C ILE B 11 -23.60 -38.46 16.83
N ALA B 12 -23.71 -39.32 15.81
CA ALA B 12 -25.01 -39.72 15.31
C ALA B 12 -25.82 -40.50 16.34
N GLU B 13 -25.16 -41.09 17.34
CA GLU B 13 -25.83 -41.81 18.40
C GLU B 13 -26.07 -40.96 19.64
N TRP B 14 -25.86 -39.65 19.54
CA TRP B 14 -26.12 -38.76 20.67
C TRP B 14 -27.58 -38.81 21.08
N THR B 15 -27.82 -38.91 22.39
CA THR B 15 -29.14 -38.70 22.93
C THR B 15 -29.51 -37.22 22.86
N PRO B 16 -30.79 -36.88 22.99
CA PRO B 16 -31.16 -35.46 23.08
C PRO B 16 -30.44 -34.71 24.19
N ASP B 17 -30.15 -35.38 25.32
CA ASP B 17 -29.41 -34.72 26.39
C ASP B 17 -28.01 -34.36 25.95
N GLN B 18 -27.34 -35.26 25.23
CA GLN B 18 -26.02 -34.95 24.69
C GLN B 18 -26.08 -33.83 23.66
N VAL B 19 -27.18 -33.76 22.90
CA VAL B 19 -27.33 -32.68 21.92
C VAL B 19 -27.42 -31.34 22.63
N THR B 20 -28.28 -31.25 23.66
CA THR B 20 -28.42 -29.99 24.37
C THR B 20 -27.17 -29.65 25.18
N ASP B 21 -26.50 -30.67 25.72
CA ASP B 21 -25.19 -30.45 26.35
C ASP B 21 -24.22 -29.77 25.40
N TRP B 22 -24.19 -30.21 24.13
CA TRP B 22 -23.29 -29.61 23.16
C TRP B 22 -23.80 -28.25 22.69
N ILE B 23 -25.10 -28.13 22.44
CA ILE B 23 -25.67 -26.86 21.98
C ILE B 23 -25.39 -25.75 22.99
N LYS B 24 -25.44 -26.07 24.28
CA LYS B 24 -25.27 -25.05 25.32
C LYS B 24 -23.93 -24.33 25.21
N GLY B 25 -22.88 -25.03 24.80
CA GLY B 25 -21.57 -24.43 24.74
C GLY B 25 -21.30 -23.54 23.54
N LEU B 26 -22.24 -23.46 22.60
CA LEU B 26 -21.99 -22.69 21.38
C LEU B 26 -22.02 -21.19 21.64
N ASP B 27 -22.98 -20.73 22.44
CA ASP B 27 -23.19 -19.31 22.64
C ASP B 27 -24.24 -19.13 23.73
N GLU B 28 -24.15 -18.01 24.45
CA GLU B 28 -25.16 -17.70 25.46
C GLU B 28 -26.56 -17.65 24.86
N SER B 29 -26.67 -17.27 23.58
CA SER B 29 -27.97 -17.19 22.93
C SER B 29 -28.68 -18.53 22.83
N MET B 30 -27.96 -19.64 22.98
CA MET B 30 -28.58 -20.96 22.85
C MET B 30 -29.42 -21.35 24.04
N LYS B 31 -29.25 -20.69 25.19
CA LYS B 31 -29.90 -21.13 26.42
C LYS B 31 -31.42 -21.10 26.31
N GLY B 32 -31.96 -20.19 25.50
CA GLY B 32 -33.40 -20.11 25.36
C GLY B 32 -34.03 -21.22 24.56
N TYR B 33 -33.23 -22.06 23.89
CA TYR B 33 -33.75 -23.08 23.00
C TYR B 33 -33.52 -24.51 23.49
N LEU B 34 -32.77 -24.70 24.57
CA LEU B 34 -32.47 -26.05 25.05
C LEU B 34 -33.74 -26.81 25.40
N TYR B 35 -34.71 -26.12 26.01
CA TYR B 35 -35.96 -26.75 26.39
C TYR B 35 -36.66 -27.37 25.18
N GLU B 36 -36.69 -26.65 24.06
CA GLU B 36 -37.40 -27.14 22.88
C GLU B 36 -36.65 -28.27 22.20
N PHE B 37 -35.31 -28.20 22.18
CA PHE B 37 -34.52 -29.32 21.69
C PHE B 37 -34.83 -30.61 22.45
N SER B 38 -34.93 -30.51 23.79
CA SER B 38 -35.24 -31.68 24.59
C SER B 38 -36.68 -32.14 24.38
N LYS B 39 -37.61 -31.19 24.31
CA LYS B 39 -39.03 -31.54 24.20
C LYS B 39 -39.31 -32.26 22.88
N GLN B 40 -38.71 -31.81 21.78
CA GLN B 40 -38.87 -32.45 20.49
C GLN B 40 -37.88 -33.58 20.26
N GLU B 41 -37.07 -33.91 21.28
CA GLU B 41 -36.20 -35.09 21.27
C GLU B 41 -35.25 -35.08 20.07
N ILE B 42 -34.53 -33.97 19.90
CA ILE B 42 -33.56 -33.84 18.83
C ILE B 42 -32.32 -34.65 19.20
N GLY B 43 -32.13 -35.78 18.55
CA GLY B 43 -30.96 -36.62 18.77
C GLY B 43 -29.83 -36.24 17.85
N GLY B 44 -28.76 -37.06 17.91
CA GLY B 44 -27.56 -36.75 17.15
C GLY B 44 -27.79 -36.80 15.65
N ARG B 45 -28.56 -37.79 15.19
CA ARG B 45 -28.83 -37.91 13.76
C ARG B 45 -29.61 -36.70 13.25
N ALA B 46 -30.65 -36.29 13.99
CA ALA B 46 -31.41 -35.11 13.59
C ALA B 46 -30.56 -33.85 13.67
N LEU B 47 -29.65 -33.78 14.63
CA LEU B 47 -28.77 -32.62 14.77
C LEU B 47 -27.83 -32.50 13.57
N LEU B 48 -27.21 -33.61 13.17
CA LEU B 48 -26.22 -33.58 12.10
C LEU B 48 -26.81 -33.15 10.77
N ASN B 49 -28.12 -33.28 10.59
CA ASN B 49 -28.80 -32.92 9.36
C ASN B 49 -29.77 -31.76 9.54
N ILE B 50 -29.59 -30.97 10.60
CA ILE B 50 -30.60 -29.97 10.95
C ILE B 50 -30.62 -28.87 9.91
N ARG B 51 -31.82 -28.40 9.59
CA ARG B 51 -32.07 -27.42 8.54
C ARG B 51 -32.68 -26.17 9.15
N PRO B 52 -32.62 -25.03 8.44
CA PRO B 52 -33.20 -23.79 8.99
C PRO B 52 -34.67 -23.92 9.38
N TYR B 53 -35.50 -24.55 8.56
CA TYR B 53 -36.92 -24.65 8.90
C TYR B 53 -37.14 -25.52 10.13
N GLU B 54 -36.26 -26.50 10.37
CA GLU B 54 -36.36 -27.30 11.57
C GLU B 54 -35.94 -26.51 12.81
N LEU B 55 -34.94 -25.64 12.67
CA LEU B 55 -34.63 -24.71 13.74
C LEU B 55 -35.80 -23.79 14.03
N GLU B 56 -36.52 -23.37 12.98
CA GLU B 56 -37.69 -22.53 13.17
C GLU B 56 -38.83 -23.31 13.83
N ASN B 57 -38.98 -24.60 13.50
CA ASN B 57 -39.94 -25.42 14.23
C ASN B 57 -39.60 -25.54 15.71
N LEU B 58 -38.33 -25.37 16.06
CA LEU B 58 -37.91 -25.34 17.46
C LEU B 58 -38.05 -23.95 18.09
N GLY B 59 -38.61 -22.99 17.37
CA GLY B 59 -38.76 -21.64 17.87
C GLY B 59 -37.59 -20.72 17.65
N MET B 60 -36.55 -21.17 16.95
CA MET B 60 -35.37 -20.34 16.70
C MET B 60 -35.61 -19.53 15.43
N LEU B 61 -36.31 -18.42 15.59
CA LEU B 61 -36.69 -17.57 14.46
C LEU B 61 -35.63 -16.53 14.11
N ARG B 62 -34.78 -16.14 15.06
CA ARG B 62 -33.72 -15.19 14.75
C ARG B 62 -32.68 -15.88 13.89
N ILE B 63 -32.48 -15.35 12.66
CA ILE B 63 -31.55 -15.99 11.73
C ILE B 63 -30.13 -15.96 12.26
N GLY B 64 -29.77 -14.91 13.00
CA GLY B 64 -28.46 -14.89 13.64
C GLY B 64 -28.25 -16.06 14.57
N HIS B 65 -29.28 -16.45 15.31
CA HIS B 65 -29.19 -17.62 16.17
C HIS B 65 -29.11 -18.91 15.36
N GLN B 66 -29.90 -19.01 14.29
CA GLN B 66 -29.82 -20.17 13.41
C GLN B 66 -28.41 -20.38 12.90
N GLU B 67 -27.74 -19.30 12.50
CA GLU B 67 -26.40 -19.42 11.93
C GLU B 67 -25.36 -19.82 12.97
N ILE B 68 -25.59 -19.53 14.25
CA ILE B 68 -24.73 -20.06 15.30
C ILE B 68 -24.76 -21.58 15.29
N VAL B 69 -25.97 -22.16 15.24
CA VAL B 69 -26.10 -23.61 15.21
C VAL B 69 -25.55 -24.18 13.92
N LEU B 70 -25.95 -23.61 12.78
CA LEU B 70 -25.59 -24.18 11.49
C LEU B 70 -24.08 -24.15 11.26
N GLU B 71 -23.43 -23.06 11.65
CA GLU B 71 -21.96 -23.01 11.54
C GLU B 71 -21.31 -24.07 12.42
N ALA B 72 -21.81 -24.22 13.65
CA ALA B 72 -21.22 -25.20 14.55
C ALA B 72 -21.47 -26.63 14.07
N VAL B 73 -22.69 -26.90 13.59
CA VAL B 73 -23.01 -28.24 13.10
C VAL B 73 -22.17 -28.60 11.89
N GLU B 74 -21.86 -27.61 11.04
CA GLU B 74 -21.01 -27.88 9.88
C GLU B 74 -19.62 -28.35 10.30
N ASN B 75 -19.06 -27.74 11.36
CA ASN B 75 -17.80 -28.25 11.90
C ASN B 75 -17.99 -29.64 12.52
N LEU B 76 -19.11 -29.84 13.22
CA LEU B 76 -19.38 -31.13 13.85
C LEU B 76 -19.55 -32.22 12.79
N ARG B 77 -20.19 -31.89 11.67
CA ARG B 77 -20.35 -32.85 10.59
C ARG B 77 -19.00 -33.25 9.99
N ASN B 78 -18.09 -32.27 9.84
CA ASN B 78 -16.79 -32.57 9.27
C ASN B 78 -15.98 -33.50 10.18
N PHE B 79 -16.06 -33.27 11.49
CA PHE B 79 -15.37 -34.14 12.43
C PHE B 79 -15.95 -35.55 12.41
N HIS B 80 -17.27 -35.68 12.25
CA HIS B 80 -17.91 -36.99 12.38
C HIS B 80 -17.86 -37.80 11.11
N TYR B 81 -18.01 -37.16 9.94
CA TYR B 81 -18.15 -37.89 8.70
C TYR B 81 -16.87 -38.02 7.87
N HIS B 82 -15.90 -37.11 8.05
CA HIS B 82 -14.78 -37.03 7.12
C HIS B 82 -13.44 -36.99 7.83
N LEU B 83 -13.36 -37.58 9.02
CA LEU B 83 -12.08 -37.61 9.72
C LEU B 83 -11.00 -38.34 8.93
N LYS B 84 -11.38 -39.36 8.15
CA LYS B 84 -10.40 -40.11 7.38
C LYS B 84 -9.74 -39.25 6.30
N ASN B 85 -10.47 -38.27 5.75
CA ASN B 85 -9.95 -37.39 4.72
C ASN B 85 -9.48 -36.05 5.27
N ASP B 86 -9.30 -35.94 6.59
CA ASP B 86 -8.84 -34.69 7.18
C ASP B 86 -7.33 -34.59 6.99
N ASN B 87 -6.95 -34.30 5.75
CA ASN B 87 -5.54 -34.24 5.38
C ASN B 87 -5.36 -33.21 4.27
N LEU B 88 -4.10 -32.98 3.91
CA LEU B 88 -3.76 -31.92 2.98
C LEU B 88 -4.32 -32.19 1.58
N GLN B 89 -4.33 -33.47 1.17
CA GLN B 89 -4.77 -33.81 -0.18
C GLN B 89 -6.23 -33.44 -0.39
N PHE B 90 -7.10 -33.80 0.55
CA PHE B 90 -8.52 -33.51 0.38
C PHE B 90 -8.85 -32.05 0.67
N MET B 91 -8.03 -31.36 1.46
CA MET B 91 -8.14 -29.90 1.52
C MET B 91 -7.82 -29.29 0.17
N ALA B 92 -6.80 -29.80 -0.51
CA ALA B 92 -6.47 -29.31 -1.85
C ALA B 92 -7.57 -29.67 -2.84
N LEU B 93 -8.21 -30.82 -2.67
CA LEU B 93 -9.33 -31.19 -3.55
C LEU B 93 -10.48 -30.20 -3.41
N HIS B 94 -10.76 -29.75 -2.18
CA HIS B 94 -11.78 -28.73 -1.99
C HIS B 94 -11.39 -27.43 -2.69
N VAL B 95 -10.12 -27.06 -2.62
CA VAL B 95 -9.65 -25.86 -3.31
C VAL B 95 -9.82 -26.01 -4.82
N ALA B 96 -9.39 -27.15 -5.35
CA ALA B 96 -9.52 -27.39 -6.78
C ALA B 96 -10.98 -27.38 -7.22
N THR B 97 -11.88 -27.92 -6.38
CA THR B 97 -13.30 -27.94 -6.71
C THR B 97 -13.87 -26.53 -6.76
N ALA B 98 -13.54 -25.70 -5.78
CA ALA B 98 -14.06 -24.34 -5.76
C ALA B 98 -13.50 -23.51 -6.91
N ALA B 99 -12.21 -23.69 -7.22
CA ALA B 99 -11.60 -22.95 -8.32
C ALA B 99 -12.23 -23.33 -9.66
N LYS B 100 -12.44 -24.62 -9.90
CA LYS B 100 -13.08 -25.04 -11.14
C LYS B 100 -14.51 -24.54 -11.22
N ASN B 101 -15.21 -24.52 -10.08
CA ASN B 101 -16.58 -23.98 -10.07
C ASN B 101 -16.58 -22.51 -10.44
N LEU B 102 -15.65 -21.73 -9.88
CA LEU B 102 -15.53 -20.33 -10.26
C LEU B 102 -15.21 -20.20 -11.75
N HIS B 103 -14.38 -21.10 -12.28
CA HIS B 103 -14.05 -21.05 -13.70
C HIS B 103 -15.27 -21.31 -14.57
N ARG B 104 -16.08 -22.32 -14.20
CA ARG B 104 -17.30 -22.60 -14.98
C ARG B 104 -18.28 -21.44 -14.93
N GLU B 105 -18.41 -20.79 -13.77
CA GLU B 105 -19.32 -19.66 -13.65
C GLU B 105 -18.90 -18.50 -14.56
N LEU B 106 -17.60 -18.34 -14.79
CA LEU B 106 -17.11 -17.26 -15.64
C LEU B 106 -17.36 -17.53 -17.12
N ALA B 107 -17.65 -18.76 -17.49
CA ALA B 107 -17.95 -19.08 -18.89
C ALA B 107 -19.41 -18.80 -19.21
N SER B 113 -19.67 -4.93 -18.39
CA SER B 113 -18.37 -5.58 -18.47
C SER B 113 -17.44 -5.05 -17.37
N THR B 114 -17.64 -3.78 -17.01
CA THR B 114 -16.86 -3.20 -15.92
C THR B 114 -17.25 -3.81 -14.58
N LYS B 115 -18.53 -4.13 -14.41
CA LYS B 115 -19.06 -4.59 -13.13
C LYS B 115 -19.04 -6.10 -13.04
N ILE B 116 -18.44 -6.62 -11.97
CA ILE B 116 -18.41 -8.05 -11.71
C ILE B 116 -19.72 -8.46 -11.06
N ASP B 117 -20.35 -9.51 -11.59
CA ASP B 117 -21.60 -10.00 -11.01
C ASP B 117 -21.41 -10.36 -9.54
N THR B 118 -22.43 -10.06 -8.73
CA THR B 118 -22.37 -10.41 -7.32
C THR B 118 -22.18 -11.90 -7.14
N ARG B 119 -22.78 -12.71 -8.02
CA ARG B 119 -22.59 -14.15 -7.98
C ARG B 119 -21.13 -14.51 -8.14
N ILE B 120 -20.42 -13.85 -9.06
CA ILE B 120 -19.00 -14.11 -9.23
C ILE B 120 -18.21 -13.69 -8.00
N LEU B 121 -18.53 -12.52 -7.45
CA LEU B 121 -17.90 -12.09 -6.21
C LEU B 121 -18.14 -13.10 -5.09
N HIS B 122 -19.36 -13.63 -5.02
CA HIS B 122 -19.66 -14.64 -4.01
C HIS B 122 -18.84 -15.91 -4.21
N ASP B 123 -18.72 -16.36 -5.46
CA ASP B 123 -17.90 -17.55 -5.74
C ASP B 123 -16.45 -17.33 -5.36
N ILE B 124 -15.97 -16.09 -5.44
CA ILE B 124 -14.59 -15.80 -5.08
C ILE B 124 -14.39 -15.92 -3.57
N THR B 125 -15.35 -15.41 -2.78
CA THR B 125 -15.24 -15.55 -1.33
C THR B 125 -15.35 -17.01 -0.91
N ARG B 126 -16.22 -17.78 -1.56
CA ARG B 126 -16.32 -19.20 -1.26
C ARG B 126 -15.05 -19.93 -1.65
N THR B 127 -14.43 -19.53 -2.77
CA THR B 127 -13.15 -20.12 -3.17
C THR B 127 -12.05 -19.79 -2.18
N ILE B 128 -11.96 -18.52 -1.78
CA ILE B 128 -10.95 -18.11 -0.80
C ILE B 128 -11.12 -18.84 0.52
N ALA B 129 -12.37 -19.14 0.90
CA ALA B 129 -12.64 -19.83 2.14
C ALA B 129 -11.97 -21.20 2.19
N THR B 130 -11.92 -21.90 1.04
CA THR B 130 -11.28 -23.21 1.01
C THR B 130 -9.78 -23.13 1.22
N LEU B 131 -9.17 -21.95 1.02
CA LEU B 131 -7.74 -21.80 1.24
C LEU B 131 -7.38 -21.83 2.72
N LYS B 132 -8.31 -21.42 3.58
CA LYS B 132 -7.99 -21.23 5.00
C LYS B 132 -7.61 -22.52 5.71
N PRO B 133 -8.34 -23.64 5.58
CA PRO B 133 -7.87 -24.87 6.23
C PRO B 133 -6.59 -25.41 5.61
N LEU B 134 -6.42 -25.27 4.29
CA LEU B 134 -5.20 -25.73 3.64
C LEU B 134 -3.99 -24.96 4.16
N VAL B 135 -4.07 -23.62 4.15
CA VAL B 135 -2.97 -22.79 4.62
C VAL B 135 -2.74 -23.01 6.11
N GLY B 136 -3.82 -23.11 6.89
CA GLY B 136 -3.67 -23.37 8.32
C GLY B 136 -2.92 -24.66 8.59
N SER B 137 -3.19 -25.70 7.81
CA SER B 137 -2.48 -26.96 7.98
C SER B 137 -1.03 -26.85 7.53
N LEU B 138 -0.77 -26.05 6.48
CA LEU B 138 0.60 -25.89 6.01
C LEU B 138 1.47 -25.19 7.03
N GLU B 139 0.87 -24.37 7.90
CA GLU B 139 1.61 -23.63 8.91
C GLU B 139 1.67 -24.36 10.25
N ARG B 140 1.46 -25.67 10.25
CA ARG B 140 1.58 -26.49 11.44
C ARG B 140 2.45 -27.69 11.13
N THR B 141 2.84 -28.40 12.20
CA THR B 141 3.61 -29.62 12.04
C THR B 141 2.81 -30.63 11.22
N PRO B 142 3.47 -31.39 10.31
CA PRO B 142 4.91 -31.41 9.99
C PRO B 142 5.29 -30.58 8.76
N PHE B 143 4.36 -29.82 8.19
CA PHE B 143 4.66 -29.03 6.99
C PHE B 143 5.28 -27.68 7.29
N ARG B 144 5.11 -27.18 8.52
CA ARG B 144 5.52 -25.82 8.86
C ARG B 144 7.01 -25.59 8.61
N LYS B 145 7.85 -26.56 8.98
CA LYS B 145 9.30 -26.38 8.93
C LYS B 145 9.95 -27.04 7.71
N GLN B 146 9.18 -27.29 6.66
CA GLN B 146 9.71 -27.83 5.41
C GLN B 146 9.69 -26.74 4.35
N GLU B 147 10.84 -26.53 3.69
CA GLU B 147 11.00 -25.41 2.78
C GLU B 147 10.03 -25.47 1.62
N MET B 148 9.78 -26.67 1.09
CA MET B 148 8.89 -26.79 -0.07
C MET B 148 7.46 -26.41 0.29
N TYR B 149 6.98 -26.85 1.45
CA TYR B 149 5.61 -26.53 1.85
C TYR B 149 5.46 -25.05 2.18
N ARG B 150 6.51 -24.42 2.70
CA ARG B 150 6.46 -22.98 2.96
C ARG B 150 6.40 -22.20 1.65
N GLU B 151 7.20 -22.59 0.66
CA GLU B 151 7.12 -21.96 -0.64
C GLU B 151 5.76 -22.21 -1.30
N TYR B 152 5.24 -23.42 -1.18
CA TYR B 152 3.92 -23.72 -1.73
C TYR B 152 2.86 -22.86 -1.08
N CYS B 153 2.90 -22.73 0.25
CA CYS B 153 1.95 -21.87 0.95
C CYS B 153 2.01 -20.43 0.45
N GLY B 154 3.23 -19.92 0.21
CA GLY B 154 3.36 -18.57 -0.30
C GLY B 154 2.75 -18.41 -1.67
N ASN B 155 2.86 -19.44 -2.52
CA ASN B 155 2.26 -19.37 -3.85
C ASN B 155 0.74 -19.39 -3.77
N VAL B 156 0.18 -20.21 -2.86
CA VAL B 156 -1.27 -20.25 -2.70
C VAL B 156 -1.78 -18.90 -2.22
N LEU B 157 -1.09 -18.29 -1.24
CA LEU B 157 -1.52 -17.01 -0.70
C LEU B 157 -1.39 -15.90 -1.73
N LYS B 158 -0.33 -15.94 -2.55
CA LYS B 158 -0.18 -14.95 -3.60
C LYS B 158 -1.32 -15.05 -4.62
N CYS B 159 -1.68 -16.26 -5.03
CA CYS B 159 -2.78 -16.44 -5.96
C CYS B 159 -4.11 -16.04 -5.32
N GLY B 160 -4.31 -16.40 -4.05
CA GLY B 160 -5.54 -16.01 -3.38
C GLY B 160 -5.67 -14.49 -3.24
N LEU B 161 -4.57 -13.83 -2.87
CA LEU B 161 -4.58 -12.37 -2.79
C LEU B 161 -4.90 -11.76 -4.14
N GLU B 162 -4.35 -12.35 -5.22
CA GLU B 162 -4.66 -11.87 -6.56
C GLU B 162 -6.15 -11.97 -6.86
N LEU B 163 -6.77 -13.10 -6.51
CA LEU B 163 -8.20 -13.27 -6.72
C LEU B 163 -9.00 -12.22 -5.95
N ALA B 164 -8.68 -12.03 -4.67
CA ALA B 164 -9.46 -11.14 -3.82
C ALA B 164 -9.30 -9.68 -4.24
N THR B 165 -8.07 -9.25 -4.52
CA THR B 165 -7.84 -7.85 -4.83
C THR B 165 -8.45 -7.45 -6.17
N ILE B 166 -8.40 -8.36 -7.16
CA ILE B 166 -9.06 -8.09 -8.43
C ILE B 166 -10.56 -8.00 -8.23
N ALA B 167 -11.13 -8.91 -7.43
CA ALA B 167 -12.56 -8.87 -7.15
C ALA B 167 -12.97 -7.58 -6.46
N HIS B 168 -12.18 -7.14 -5.47
CA HIS B 168 -12.39 -5.87 -4.81
C HIS B 168 -12.04 -4.67 -5.69
N ARG B 169 -11.69 -4.92 -6.95
CA ARG B 169 -11.33 -3.89 -7.93
C ARG B 169 -10.05 -3.16 -7.55
N ASP B 170 -9.55 -3.38 -6.32
CA ASP B 170 -8.26 -2.89 -5.85
C ASP B 170 -7.19 -2.91 -6.94
N ARG B 171 -7.16 -3.97 -7.72
CA ARG B 171 -6.18 -4.11 -8.79
C ARG B 171 -6.84 -3.96 -10.16
N LEU B 174 -10.03 -2.98 -15.80
CA LEU B 174 -9.81 -3.07 -17.25
C LEU B 174 -10.52 -4.27 -17.83
N GLN B 175 -10.02 -5.47 -17.51
CA GLN B 175 -10.58 -6.74 -17.97
C GLN B 175 -10.70 -7.67 -16.77
N PRO B 176 -11.69 -7.46 -15.91
CA PRO B 176 -11.71 -8.23 -14.65
C PRO B 176 -12.03 -9.69 -14.86
N VAL B 177 -12.98 -10.02 -15.73
CA VAL B 177 -13.36 -11.43 -15.93
C VAL B 177 -12.22 -12.26 -16.47
N PRO B 178 -11.47 -11.84 -17.49
CA PRO B 178 -10.31 -12.65 -17.90
C PRO B 178 -9.25 -12.77 -16.82
N ALA B 179 -9.02 -11.71 -16.04
CA ALA B 179 -8.04 -11.79 -14.96
C ALA B 179 -8.47 -12.75 -13.88
N ILE B 180 -9.76 -12.73 -13.51
CA ILE B 180 -10.27 -13.68 -12.53
C ILE B 180 -10.17 -15.10 -13.07
N ARG B 181 -10.44 -15.28 -14.37
CA ARG B 181 -10.35 -16.62 -14.96
C ARG B 181 -8.92 -17.15 -14.90
N GLN B 182 -7.94 -16.28 -15.13
CA GLN B 182 -6.55 -16.73 -15.06
C GLN B 182 -6.15 -17.10 -13.64
N SER B 183 -6.61 -16.33 -12.65
CA SER B 183 -6.31 -16.65 -11.26
C SER B 183 -6.97 -17.96 -10.84
N ALA B 184 -8.20 -18.21 -11.30
CA ALA B 184 -8.88 -19.45 -10.96
C ALA B 184 -8.14 -20.65 -11.54
N GLU B 185 -7.63 -20.53 -12.77
CA GLU B 185 -6.86 -21.62 -13.36
C GLU B 185 -5.56 -21.85 -12.61
N ARG B 186 -4.88 -20.76 -12.22
CA ARG B 186 -3.65 -20.89 -11.45
C ARG B 186 -3.91 -21.54 -10.09
N LEU B 187 -5.00 -21.17 -9.44
CA LEU B 187 -5.32 -21.77 -8.14
C LEU B 187 -5.64 -23.25 -8.29
N GLU B 188 -6.34 -23.63 -9.37
CA GLU B 188 -6.58 -25.03 -9.65
C GLU B 188 -5.27 -25.78 -9.86
N ASN B 189 -4.33 -25.18 -10.61
CA ASN B 189 -3.02 -25.80 -10.80
C ASN B 189 -2.27 -25.95 -9.48
N LEU B 190 -2.32 -24.93 -8.62
CA LEU B 190 -1.65 -25.01 -7.33
C LEU B 190 -2.23 -26.14 -6.48
N ALA B 191 -3.56 -26.27 -6.47
CA ALA B 191 -4.19 -27.36 -5.74
C ALA B 191 -3.74 -28.71 -6.28
N ASN B 192 -3.65 -28.84 -7.61
CA ASN B 192 -3.24 -30.11 -8.21
C ASN B 192 -1.79 -30.45 -7.93
N PHE B 193 -0.97 -29.48 -7.53
CA PHE B 193 0.41 -29.77 -7.14
C PHE B 193 0.45 -30.77 -5.99
N VAL B 194 -0.43 -30.62 -5.01
CA VAL B 194 -0.53 -31.58 -3.91
C VAL B 194 -1.11 -32.89 -4.43
N ILE B 195 -2.17 -32.80 -5.24
CA ILE B 195 -2.93 -33.98 -5.63
C ILE B 195 -2.13 -34.85 -6.59
N GLN B 196 -1.35 -34.22 -7.47
CA GLN B 196 -0.71 -34.93 -8.59
C GLN B 196 0.80 -35.02 -8.48
N ASP B 197 1.46 -33.97 -7.98
CA ASP B 197 2.92 -33.86 -8.04
C ASP B 197 3.61 -34.30 -6.75
N ILE B 198 3.00 -34.11 -5.60
CA ILE B 198 3.64 -34.45 -4.34
C ILE B 198 3.45 -35.93 -4.07
N SER B 199 4.54 -36.61 -3.69
CA SER B 199 4.49 -38.01 -3.32
C SER B 199 4.66 -38.22 -1.82
N ASP B 200 4.79 -37.15 -1.05
CA ASP B 200 4.88 -37.21 0.40
C ASP B 200 3.66 -37.93 0.96
N PRO B 201 3.82 -39.07 1.63
CA PRO B 201 2.65 -39.77 2.19
C PRO B 201 1.90 -38.95 3.23
N MET B 202 2.51 -37.90 3.78
CA MET B 202 1.86 -37.12 4.82
C MET B 202 0.61 -36.41 4.30
N VAL B 203 0.58 -36.06 3.01
CA VAL B 203 -0.59 -35.34 2.49
C VAL B 203 -1.80 -36.26 2.39
N LEU B 204 -1.61 -37.57 2.45
CA LEU B 204 -2.70 -38.52 2.38
C LEU B 204 -2.96 -39.25 3.70
N GLN B 205 -2.26 -38.87 4.77
CA GLN B 205 -2.44 -39.56 6.03
C GLN B 205 -3.77 -39.15 6.68
N PRO B 206 -4.61 -40.11 7.07
CA PRO B 206 -5.83 -39.75 7.80
C PRO B 206 -5.50 -39.22 9.19
N ALA B 207 -6.42 -38.40 9.70
CA ALA B 207 -6.29 -37.92 11.07
C ALA B 207 -6.76 -38.97 12.05
N SER B 208 -6.12 -38.99 13.22
CA SER B 208 -6.42 -39.96 14.26
C SER B 208 -6.74 -39.24 15.56
N LEU B 209 -7.47 -39.93 16.42
CA LEU B 209 -7.82 -39.44 17.74
C LEU B 209 -7.05 -40.20 18.81
N ASN B 210 -6.63 -39.48 19.85
CA ASN B 210 -5.92 -40.07 20.97
C ASN B 210 -6.46 -39.51 22.26
N LEU B 211 -6.58 -40.36 23.28
CA LEU B 211 -6.94 -39.93 24.62
C LEU B 211 -5.68 -39.57 25.39
N VAL B 212 -5.65 -38.37 25.96
CA VAL B 212 -4.53 -37.91 26.76
C VAL B 212 -5.06 -37.62 28.15
N THR B 213 -4.55 -38.36 29.13
CA THR B 213 -4.93 -38.21 30.52
C THR B 213 -3.89 -37.36 31.25
N LEU B 214 -4.37 -36.33 31.94
CA LEU B 214 -3.50 -35.43 32.68
C LEU B 214 -3.88 -35.48 34.15
N LYS B 215 -2.87 -35.50 35.02
CA LYS B 215 -3.07 -35.48 36.45
C LYS B 215 -2.58 -34.20 37.11
N LYS B 216 -2.20 -33.20 36.31
CA LYS B 216 -1.69 -31.95 36.84
C LYS B 216 -2.75 -30.85 36.78
N LEU B 221 0.54 -29.81 31.60
CA LEU B 221 -0.59 -28.97 31.95
C LEU B 221 -0.26 -27.50 31.79
N GLY B 222 0.83 -27.21 31.10
CA GLY B 222 1.28 -25.86 30.85
C GLY B 222 0.95 -25.31 29.49
N PHE B 223 0.09 -25.97 28.72
CA PHE B 223 -0.24 -25.48 27.39
C PHE B 223 -1.31 -24.40 27.46
N ASN B 224 -1.41 -23.64 26.38
CA ASN B 224 -2.48 -22.68 26.19
C ASN B 224 -3.36 -23.14 25.05
N ILE B 225 -4.58 -22.62 25.01
CA ILE B 225 -5.55 -22.97 23.98
C ILE B 225 -5.83 -21.74 23.13
N GLU B 226 -5.53 -21.83 21.85
CA GLU B 226 -5.89 -20.82 20.86
C GLU B 226 -7.15 -21.30 20.15
N SER B 227 -8.20 -20.49 20.19
CA SER B 227 -9.49 -20.85 19.60
C SER B 227 -9.71 -19.99 18.36
N SER B 228 -9.93 -20.64 17.23
CA SER B 228 -10.30 -19.94 16.02
C SER B 228 -11.66 -19.27 16.19
N TYR B 229 -12.02 -18.43 15.21
CA TYR B 229 -13.29 -17.72 15.27
C TYR B 229 -14.46 -18.69 15.27
N ASN B 230 -14.32 -19.84 14.60
CA ASN B 230 -15.41 -20.79 14.42
C ASN B 230 -15.39 -21.92 15.45
N GLY B 231 -14.56 -21.82 16.49
CA GLY B 231 -14.61 -22.79 17.56
C GLY B 231 -13.76 -24.02 17.37
N ILE B 232 -12.61 -23.91 16.70
CA ILE B 232 -11.63 -24.99 16.63
C ILE B 232 -10.52 -24.66 17.62
N HIS B 233 -10.27 -25.56 18.56
CA HIS B 233 -9.43 -25.29 19.71
C HIS B 233 -8.16 -26.13 19.63
N ARG B 234 -7.01 -25.45 19.51
CA ARG B 234 -5.73 -26.09 19.31
C ARG B 234 -4.76 -25.74 20.43
N VAL B 235 -3.89 -26.70 20.76
CA VAL B 235 -2.87 -26.49 21.78
C VAL B 235 -1.79 -25.57 21.23
N THR B 236 -1.39 -24.59 22.05
CA THR B 236 -0.30 -23.68 21.71
C THR B 236 0.48 -23.36 22.97
N ASP B 237 1.71 -22.88 22.76
CA ASP B 237 2.59 -22.41 23.84
C ASP B 237 2.80 -23.52 24.88
N ILE B 238 3.56 -24.53 24.45
CA ILE B 238 3.80 -25.70 25.29
C ILE B 238 5.30 -25.97 25.43
N GLY B 248 3.28 -33.56 27.31
CA GLY B 248 4.17 -34.63 26.93
C GLY B 248 3.68 -35.39 25.71
N LYS B 249 2.58 -36.13 25.88
CA LYS B 249 1.88 -36.75 24.77
C LYS B 249 1.07 -35.76 23.95
N ILE B 250 1.28 -34.47 24.16
CA ILE B 250 0.55 -33.40 23.48
C ILE B 250 1.58 -32.48 22.84
N GLU B 251 1.36 -32.17 21.55
CA GLU B 251 2.26 -31.30 20.82
C GLU B 251 1.51 -30.05 20.38
N ASP B 252 2.28 -29.02 20.01
CA ASP B 252 1.70 -27.77 19.54
C ASP B 252 0.90 -28.00 18.27
N GLY B 253 -0.25 -27.32 18.18
CA GLY B 253 -1.12 -27.42 17.04
C GLY B 253 -2.16 -28.53 17.10
N ASP B 254 -2.04 -29.45 18.05
CA ASP B 254 -3.04 -30.50 18.19
C ASP B 254 -4.40 -29.91 18.56
N GLU B 255 -5.45 -30.45 17.95
CA GLU B 255 -6.80 -29.95 18.18
C GLU B 255 -7.46 -30.72 19.31
N ILE B 256 -8.03 -29.99 20.27
CA ILE B 256 -8.79 -30.60 21.35
C ILE B 256 -10.24 -30.70 20.90
N VAL B 257 -10.75 -31.93 20.81
CA VAL B 257 -12.13 -32.15 20.39
C VAL B 257 -13.05 -32.51 21.56
N GLN B 258 -12.50 -33.05 22.65
CA GLN B 258 -13.30 -33.33 23.83
C GLN B 258 -12.51 -33.02 25.09
N ILE B 259 -13.24 -32.65 26.14
CA ILE B 259 -12.70 -32.48 27.48
C ILE B 259 -13.54 -33.34 28.41
N ASN B 260 -12.92 -34.37 29.00
CA ASN B 260 -13.63 -35.34 29.83
C ASN B 260 -14.85 -35.91 29.10
N TYR B 261 -14.62 -36.28 27.84
CA TYR B 261 -15.59 -36.95 26.96
C TYR B 261 -16.78 -36.06 26.60
N GLN B 262 -16.71 -34.77 26.88
CA GLN B 262 -17.69 -33.81 26.37
C GLN B 262 -17.11 -33.17 25.10
N THR B 263 -17.79 -33.39 23.97
CA THR B 263 -17.35 -32.79 22.72
C THR B 263 -17.45 -31.28 22.79
N VAL B 264 -16.37 -30.59 22.38
CA VAL B 264 -16.28 -29.15 22.43
C VAL B 264 -16.02 -28.53 21.06
N VAL B 265 -16.09 -29.32 19.99
CA VAL B 265 -15.95 -28.78 18.65
C VAL B 265 -17.04 -27.77 18.39
N GLY B 266 -16.66 -26.55 18.01
CA GLY B 266 -17.59 -25.47 17.79
C GLY B 266 -17.90 -24.61 18.98
N TRP B 267 -17.48 -25.01 20.18
CA TRP B 267 -17.75 -24.24 21.38
C TRP B 267 -17.01 -22.90 21.36
N GLN B 268 -17.49 -21.96 22.15
CA GLN B 268 -16.79 -20.71 22.34
C GLN B 268 -15.47 -20.94 23.08
N HIS B 269 -14.56 -19.98 22.93
CA HIS B 269 -13.28 -20.06 23.63
C HIS B 269 -13.49 -20.00 25.14
N ARG B 270 -14.37 -19.11 25.60
CA ARG B 270 -14.56 -18.92 27.04
C ARG B 270 -15.12 -20.17 27.69
N THR B 271 -16.10 -20.82 27.06
CA THR B 271 -16.73 -21.98 27.68
C THR B 271 -15.83 -23.20 27.64
N VAL B 272 -14.90 -23.27 26.67
CA VAL B 272 -13.93 -24.35 26.67
C VAL B 272 -12.96 -24.19 27.85
N LEU B 273 -12.51 -22.95 28.09
CA LEU B 273 -11.65 -22.71 29.24
C LEU B 273 -12.40 -22.97 30.55
N GLU B 274 -13.65 -22.51 30.64
CA GLU B 274 -14.43 -22.76 31.85
C GLU B 274 -14.60 -24.25 32.09
N HIS B 275 -14.79 -25.03 31.03
CA HIS B 275 -14.95 -26.47 31.18
C HIS B 275 -13.63 -27.13 31.58
N LEU B 276 -12.51 -26.65 31.03
CA LEU B 276 -11.21 -27.21 31.36
C LEU B 276 -10.80 -26.86 32.79
N ARG B 277 -11.01 -25.60 33.20
CA ARG B 277 -10.64 -25.20 34.55
C ARG B 277 -11.45 -25.98 35.58
N GLU B 278 -12.76 -26.13 35.36
CA GLU B 278 -13.61 -26.88 36.27
C GLU B 278 -13.33 -28.38 36.26
N ALA B 279 -12.57 -28.88 35.27
CA ALA B 279 -12.32 -30.30 35.11
C ALA B 279 -11.42 -30.89 36.20
N LEU B 280 -11.03 -30.17 37.26
CA LEU B 280 -10.26 -30.73 38.37
C LEU B 280 -8.86 -31.14 37.90
N PRO B 281 -7.93 -31.46 38.80
CA PRO B 281 -6.61 -31.92 38.34
C PRO B 281 -6.65 -33.10 37.40
N ASP B 282 -7.70 -33.93 37.46
CA ASP B 282 -7.82 -35.10 36.60
C ASP B 282 -8.64 -34.72 35.37
N VAL B 283 -7.98 -34.55 34.22
CA VAL B 283 -8.64 -34.21 32.97
C VAL B 283 -8.20 -35.20 31.91
N VAL B 284 -9.15 -35.75 31.16
CA VAL B 284 -8.88 -36.63 30.04
C VAL B 284 -9.27 -35.88 28.76
N LEU B 285 -8.30 -35.60 27.92
CA LEU B 285 -8.52 -34.87 26.67
C LEU B 285 -8.56 -35.85 25.50
N THR B 286 -9.56 -35.67 24.63
CA THR B 286 -9.58 -36.35 23.34
C THR B 286 -8.96 -35.39 22.32
N VAL B 287 -7.84 -35.80 21.73
CA VAL B 287 -7.00 -34.92 20.95
C VAL B 287 -6.90 -35.45 19.53
N LYS B 288 -7.18 -34.57 18.56
CA LYS B 288 -6.88 -34.87 17.17
C LYS B 288 -5.42 -34.55 16.93
N LYS B 289 -4.73 -35.46 16.25
CA LYS B 289 -3.27 -35.41 16.18
C LYS B 289 -2.80 -35.12 14.76
N ARG B 290 -1.69 -34.43 14.68
CA ARG B 290 -1.10 -34.02 13.41
C ARG B 290 -0.26 -35.15 12.82
N PRO B 291 -0.25 -35.29 11.49
CA PRO B 291 0.51 -36.34 10.80
C PRO B 291 2.01 -36.24 11.07
N LYS C 25 -2.24 13.99 9.59
CA LYS C 25 -2.44 13.14 8.41
C LYS C 25 -2.46 13.99 7.14
N ALA C 26 -3.66 14.17 6.59
CA ALA C 26 -3.81 14.98 5.39
C ALA C 26 -3.35 16.41 5.65
N VAL C 27 -2.83 17.05 4.60
CA VAL C 27 -2.26 18.40 4.75
C VAL C 27 -3.30 19.35 5.31
N TYR C 28 -4.56 19.20 4.90
CA TYR C 28 -5.61 20.10 5.36
C TYR C 28 -5.81 20.05 6.87
N LEU C 29 -5.26 19.05 7.55
CA LEU C 29 -5.31 18.95 9.01
C LEU C 29 -4.05 19.49 9.69
N TRP C 30 -3.03 19.88 8.93
CA TRP C 30 -1.77 20.29 9.51
C TRP C 30 -1.94 21.59 10.31
N THR C 31 -1.40 21.60 11.52
CA THR C 31 -1.33 22.82 12.30
C THR C 31 -0.17 23.69 11.79
N VAL C 32 -0.03 24.89 12.37
CA VAL C 32 1.09 25.75 12.02
C VAL C 32 2.42 25.07 12.36
N SER C 33 2.47 24.40 13.51
CA SER C 33 3.69 23.67 13.90
C SER C 33 4.02 22.57 12.89
N ASP C 34 2.99 21.88 12.40
CA ASP C 34 3.22 20.86 11.37
C ASP C 34 3.84 21.46 10.12
N VAL C 35 3.35 22.63 9.72
CA VAL C 35 3.90 23.31 8.54
C VAL C 35 5.35 23.70 8.79
N LEU C 36 5.65 24.18 10.00
CA LEU C 36 7.02 24.54 10.33
C LEU C 36 7.95 23.33 10.27
N LYS C 37 7.47 22.18 10.77
CA LYS C 37 8.26 20.96 10.66
C LYS C 37 8.44 20.54 9.21
N TRP C 38 7.38 20.69 8.39
CA TRP C 38 7.49 20.44 6.97
C TRP C 38 8.48 21.41 6.31
N TYR C 39 8.43 22.68 6.71
CA TYR C 39 9.29 23.69 6.10
C TYR C 39 10.76 23.40 6.40
N ARG C 40 11.07 22.99 7.62
CA ARG C 40 12.45 22.65 7.97
C ARG C 40 12.98 21.50 7.12
N ARG C 41 12.12 20.53 6.81
CA ARG C 41 12.54 19.34 6.08
C ARG C 41 12.77 19.63 4.60
N HIS C 42 11.90 20.43 3.98
CA HIS C 42 11.93 20.63 2.54
C HIS C 42 12.49 21.98 2.12
N CYS C 43 12.56 22.96 3.02
CA CYS C 43 13.10 24.28 2.74
C CYS C 43 14.22 24.61 3.71
N GLY C 44 15.08 23.63 3.99
CA GLY C 44 16.12 23.80 4.99
C GLY C 44 17.16 24.86 4.64
N GLU C 45 17.34 25.15 3.37
CA GLU C 45 18.27 26.19 2.95
C GLU C 45 17.68 27.60 3.02
N TYR C 46 16.44 27.74 3.47
CA TYR C 46 15.74 29.02 3.47
C TYR C 46 15.06 29.26 4.82
N THR C 47 15.77 28.94 5.92
CA THR C 47 15.20 29.07 7.25
C THR C 47 14.87 30.52 7.62
N GLN C 48 15.48 31.50 6.96
CA GLN C 48 15.23 32.89 7.33
C GLN C 48 13.78 33.30 7.10
N TYR C 49 13.04 32.56 6.28
CA TYR C 49 11.63 32.82 6.04
C TYR C 49 10.72 31.94 6.89
N GLU C 50 11.29 31.07 7.74
CA GLU C 50 10.48 30.14 8.50
C GLU C 50 9.55 30.87 9.46
N GLN C 51 10.04 31.92 10.12
CA GLN C 51 9.21 32.68 11.05
C GLN C 51 8.05 33.38 10.36
N LEU C 52 8.16 33.65 9.05
CA LEU C 52 7.03 34.25 8.34
C LEU C 52 5.82 33.33 8.37
N PHE C 53 6.04 32.02 8.20
CA PHE C 53 4.93 31.07 8.24
C PHE C 53 4.31 31.02 9.62
N ALA C 54 5.11 31.17 10.68
CA ALA C 54 4.57 31.22 12.03
C ALA C 54 3.81 32.51 12.28
N GLN C 55 4.34 33.64 11.80
CA GLN C 55 3.71 34.93 12.06
C GLN C 55 2.39 35.08 11.31
N HIS C 56 2.26 34.44 10.15
CA HIS C 56 1.06 34.56 9.34
C HIS C 56 0.07 33.43 9.57
N ASP C 57 0.33 32.55 10.54
CA ASP C 57 -0.54 31.42 10.85
C ASP C 57 -0.81 30.58 9.60
N ILE C 58 0.28 30.22 8.90
CA ILE C 58 0.15 29.35 7.73
C ILE C 58 -0.09 27.92 8.20
N THR C 59 -1.37 27.55 8.36
CA THR C 59 -1.74 26.17 8.63
C THR C 59 -1.60 25.35 7.35
N GLY C 60 -1.91 24.05 7.46
CA GLY C 60 -2.00 23.22 6.27
C GLY C 60 -3.08 23.72 5.32
N ARG C 61 -4.20 24.17 5.89
CA ARG C 61 -5.27 24.78 5.11
C ARG C 61 -4.76 25.99 4.34
N ALA C 62 -3.96 26.84 4.99
CA ALA C 62 -3.40 27.99 4.30
C ALA C 62 -2.33 27.57 3.29
N LEU C 63 -1.53 26.56 3.63
CA LEU C 63 -0.45 26.13 2.76
C LEU C 63 -0.98 25.66 1.40
N LEU C 64 -2.18 25.09 1.38
CA LEU C 64 -2.80 24.66 0.13
C LEU C 64 -3.34 25.81 -0.70
N ARG C 65 -3.42 27.01 -0.13
CA ARG C 65 -3.92 28.18 -0.84
C ARG C 65 -2.83 29.22 -1.11
N ILE C 66 -1.64 29.05 -0.54
CA ILE C 66 -0.55 29.97 -0.82
C ILE C 66 -0.23 29.96 -2.30
N THR C 67 0.01 31.14 -2.87
CA THR C 67 0.49 31.27 -4.23
C THR C 67 1.82 32.01 -4.24
N ASP C 68 2.42 32.10 -5.43
CA ASP C 68 3.62 32.91 -5.59
C ASP C 68 3.36 34.36 -5.17
N SER C 69 2.16 34.87 -5.46
CA SER C 69 1.83 36.25 -5.11
C SER C 69 1.78 36.44 -3.60
N SER C 70 1.14 35.52 -2.87
CA SER C 70 1.03 35.69 -1.42
C SER C 70 2.38 35.49 -0.75
N LEU C 71 3.28 34.72 -1.35
CA LEU C 71 4.64 34.63 -0.83
C LEU C 71 5.36 35.96 -0.95
N GLN C 72 5.16 36.67 -2.07
CA GLN C 72 5.70 38.01 -2.21
C GLN C 72 5.18 38.93 -1.11
N ARG C 73 3.86 38.90 -0.87
CA ARG C 73 3.27 39.76 0.14
C ARG C 73 3.78 39.42 1.54
N MET C 74 4.05 38.14 1.80
CA MET C 74 4.62 37.77 3.11
C MET C 74 6.00 38.35 3.32
N GLY C 75 6.75 38.58 2.25
CA GLY C 75 8.08 39.15 2.38
C GLY C 75 9.19 38.31 1.79
N VAL C 76 8.84 37.22 1.10
CA VAL C 76 9.83 36.42 0.40
C VAL C 76 10.14 37.14 -0.91
N THR C 77 11.02 38.14 -0.85
CA THR C 77 11.21 39.06 -1.97
C THR C 77 12.16 38.48 -3.01
N ASP C 78 13.20 37.77 -2.59
CA ASP C 78 14.16 37.20 -3.52
C ASP C 78 13.47 36.21 -4.45
N ASN C 79 13.64 36.41 -5.76
CA ASN C 79 12.93 35.60 -6.74
C ASN C 79 13.38 34.14 -6.68
N ARG C 80 14.68 33.90 -6.50
CA ARG C 80 15.17 32.53 -6.43
C ARG C 80 14.69 31.84 -5.15
N ASP C 81 14.77 32.52 -4.02
CA ASP C 81 14.26 31.97 -2.77
C ASP C 81 12.77 31.65 -2.89
N ARG C 82 11.99 32.59 -3.43
CA ARG C 82 10.56 32.38 -3.54
C ARG C 82 10.23 31.25 -4.51
N GLU C 83 10.93 31.19 -5.65
CA GLU C 83 10.69 30.12 -6.60
C GLU C 83 10.99 28.76 -5.98
N ALA C 84 12.07 28.67 -5.21
CA ALA C 84 12.41 27.40 -4.56
C ALA C 84 11.35 27.00 -3.54
N ILE C 85 10.91 27.97 -2.72
CA ILE C 85 9.89 27.69 -1.72
C ILE C 85 8.54 27.40 -2.38
N TRP C 86 8.18 28.21 -3.38
CA TRP C 86 6.92 28.01 -4.09
C TRP C 86 6.87 26.64 -4.76
N ARG C 87 8.00 26.16 -5.27
CA ARG C 87 8.03 24.85 -5.91
C ARG C 87 7.80 23.74 -4.89
N GLU C 88 8.35 23.88 -3.68
CA GLU C 88 8.11 22.88 -2.65
C GLU C 88 6.64 22.83 -2.25
N ILE C 89 6.01 24.01 -2.15
CA ILE C 89 4.60 24.06 -1.80
C ILE C 89 3.75 23.38 -2.86
N VAL C 90 4.04 23.65 -4.13
CA VAL C 90 3.30 23.04 -5.22
C VAL C 90 3.53 21.54 -5.27
N LYS C 91 4.78 21.10 -5.06
CA LYS C 91 5.06 19.67 -5.06
C LYS C 91 4.32 18.96 -3.93
N GLN C 92 4.20 19.60 -2.77
CA GLN C 92 3.43 19.03 -1.68
C GLN C 92 1.94 18.96 -2.05
N ARG C 93 1.46 19.97 -2.79
CA ARG C 93 0.07 19.95 -3.24
C ARG C 93 -0.19 18.79 -4.20
N LEU C 94 0.76 18.51 -5.10
CA LEU C 94 0.62 17.37 -5.99
C LEU C 94 0.62 16.06 -5.21
N LYS C 95 1.48 15.95 -4.19
CA LYS C 95 1.50 14.77 -3.35
C LYS C 95 0.15 14.55 -2.69
N THR C 96 -0.44 15.63 -2.14
CA THR C 96 -1.77 15.52 -1.54
C THR C 96 -2.81 15.13 -2.58
N ASP C 97 -2.68 15.66 -3.81
CA ASP C 97 -3.61 15.31 -4.87
C ASP C 97 -3.58 13.81 -5.17
N ILE C 98 -2.37 13.24 -5.27
CA ILE C 98 -2.25 11.81 -5.55
C ILE C 98 -2.95 11.00 -4.48
N MET C 99 -2.75 11.38 -3.21
CA MET C 99 -3.42 10.68 -2.12
C MET C 99 -4.94 10.80 -2.21
N GLU C 100 -5.43 12.01 -2.52
CA GLU C 100 -6.87 12.22 -2.59
C GLU C 100 -7.50 11.53 -3.79
N ILE C 101 -6.78 11.48 -4.91
CA ILE C 101 -7.29 10.80 -6.09
C ILE C 101 -7.44 9.31 -5.82
N ARG C 102 -6.48 8.71 -5.11
CA ARG C 102 -6.56 7.29 -4.79
C ARG C 102 -7.70 7.00 -3.83
N ASP C 103 -7.96 7.93 -2.89
CA ASP C 103 -9.11 7.77 -2.00
C ASP C 103 -10.41 7.84 -2.78
N MET C 104 -10.50 8.74 -3.76
CA MET C 104 -11.69 8.81 -4.59
C MET C 104 -11.82 7.57 -5.47
N GLU C 105 -10.70 6.97 -5.89
CA GLU C 105 -10.76 5.73 -6.66
C GLU C 105 -11.34 4.59 -5.83
N ARG C 106 -10.95 4.49 -4.55
CA ARG C 106 -11.51 3.44 -3.70
C ARG C 106 -12.99 3.67 -3.43
N LEU C 107 -13.43 4.92 -3.40
CA LEU C 107 -14.84 5.23 -3.20
C LEU C 107 -15.68 4.93 -4.43
N ASN C 108 -15.05 4.84 -5.61
CA ASN C 108 -15.75 4.60 -6.86
C ASN C 108 -16.10 3.13 -7.08
N ILE C 109 -15.59 2.23 -6.24
CA ILE C 109 -15.80 0.80 -6.45
C ILE C 109 -17.15 0.40 -5.88
N TYR C 110 -18.04 -0.05 -6.75
CA TYR C 110 -19.37 -0.50 -6.34
C TYR C 110 -19.53 -2.01 -6.51
N TYR D 8 -35.91 34.24 1.88
CA TYR D 8 -34.98 33.75 0.87
C TYR D 8 -33.55 33.73 1.40
N ILE D 9 -32.62 33.22 0.60
CA ILE D 9 -31.21 33.21 0.97
C ILE D 9 -30.46 34.16 0.05
N ASN D 10 -30.73 35.45 0.18
CA ASN D 10 -30.06 36.48 -0.61
C ASN D 10 -28.85 36.96 0.19
N ILE D 11 -27.71 36.29 -0.03
CA ILE D 11 -26.48 36.61 0.70
C ILE D 11 -26.03 38.03 0.40
N ALA D 12 -26.29 38.53 -0.81
CA ALA D 12 -25.91 39.89 -1.16
C ALA D 12 -26.66 40.93 -0.34
N GLU D 13 -27.79 40.57 0.25
CA GLU D 13 -28.55 41.48 1.10
C GLU D 13 -28.24 41.29 2.59
N TRP D 14 -27.20 40.54 2.92
CA TRP D 14 -26.82 40.37 4.31
C TRP D 14 -26.47 41.70 4.95
N THR D 15 -27.01 41.93 6.15
CA THR D 15 -26.57 43.04 6.95
C THR D 15 -25.15 42.77 7.46
N PRO D 16 -24.44 43.82 7.92
CA PRO D 16 -23.15 43.56 8.58
C PRO D 16 -23.26 42.58 9.72
N ASP D 17 -24.38 42.59 10.46
CA ASP D 17 -24.57 41.63 11.54
C ASP D 17 -24.66 40.20 11.02
N GLN D 18 -25.37 40.00 9.90
CA GLN D 18 -25.42 38.68 9.29
C GLN D 18 -24.04 38.26 8.77
N VAL D 19 -23.25 39.21 8.30
CA VAL D 19 -21.90 38.90 7.82
C VAL D 19 -21.03 38.41 8.97
N THR D 20 -21.04 39.13 10.09
CA THR D 20 -20.21 38.71 11.23
C THR D 20 -20.74 37.42 11.86
N ASP D 21 -22.06 37.23 11.85
CA ASP D 21 -22.62 35.94 12.28
C ASP D 21 -22.01 34.79 11.47
N TRP D 22 -21.89 34.96 10.16
CA TRP D 22 -21.34 33.91 9.32
C TRP D 22 -19.83 33.80 9.46
N ILE D 23 -19.14 34.94 9.49
CA ILE D 23 -17.68 34.93 9.61
C ILE D 23 -17.26 34.22 10.89
N LYS D 24 -18.03 34.39 11.96
CA LYS D 24 -17.67 33.81 13.26
C LYS D 24 -17.56 32.30 13.20
N GLY D 25 -18.38 31.64 12.38
CA GLY D 25 -18.36 30.19 12.31
C GLY D 25 -17.24 29.59 11.48
N LEU D 26 -16.42 30.42 10.83
CA LEU D 26 -15.39 29.89 9.95
C LEU D 26 -14.24 29.29 10.73
N ASP D 27 -13.82 29.95 11.81
CA ASP D 27 -12.64 29.55 12.56
C ASP D 27 -12.56 30.38 13.83
N GLU D 28 -11.94 29.80 14.87
CA GLU D 28 -11.71 30.55 16.10
C GLU D 28 -10.90 31.81 15.86
N SER D 29 -10.03 31.80 14.84
CA SER D 29 -9.19 32.96 14.54
C SER D 29 -10.01 34.16 14.08
N MET D 30 -11.25 33.96 13.65
CA MET D 30 -12.06 35.07 13.16
C MET D 30 -12.57 35.98 14.26
N LYS D 31 -12.57 35.51 15.52
CA LYS D 31 -13.20 36.27 16.59
C LYS D 31 -12.56 37.63 16.80
N GLY D 32 -11.27 37.77 16.49
CA GLY D 32 -10.59 39.05 16.66
C GLY D 32 -10.94 40.09 15.62
N TYR D 33 -11.66 39.73 14.57
CA TYR D 33 -11.94 40.67 13.48
C TYR D 33 -13.40 41.07 13.37
N LEU D 34 -14.29 40.44 14.15
CA LEU D 34 -15.71 40.73 14.04
C LEU D 34 -16.00 42.20 14.32
N TYR D 35 -15.30 42.78 15.30
CA TYR D 35 -15.48 44.18 15.64
C TYR D 35 -15.22 45.09 14.44
N GLU D 36 -14.15 44.83 13.69
CA GLU D 36 -13.79 45.71 12.59
C GLU D 36 -14.73 45.51 11.40
N PHE D 37 -15.18 44.27 11.16
CA PHE D 37 -16.20 44.03 10.15
C PHE D 37 -17.45 44.86 10.44
N SER D 38 -17.88 44.90 11.71
CA SER D 38 -19.05 45.68 12.07
C SER D 38 -18.78 47.18 11.97
N LYS D 39 -17.61 47.62 12.43
CA LYS D 39 -17.30 49.05 12.42
C LYS D 39 -17.28 49.61 11.01
N GLN D 40 -16.70 48.87 10.06
CA GLN D 40 -16.65 49.29 8.67
C GLN D 40 -17.89 48.86 7.89
N GLU D 41 -18.89 48.28 8.56
CA GLU D 41 -20.19 47.99 7.97
C GLU D 41 -20.08 47.14 6.71
N ILE D 42 -19.35 46.03 6.82
CA ILE D 42 -19.18 45.11 5.72
C ILE D 42 -20.48 44.31 5.54
N GLY D 43 -21.24 44.64 4.50
CA GLY D 43 -22.47 43.94 4.19
C GLY D 43 -22.23 42.76 3.25
N GLY D 44 -23.33 42.17 2.81
CA GLY D 44 -23.24 40.97 1.98
C GLY D 44 -22.56 41.22 0.65
N ARG D 45 -22.87 42.36 0.02
CA ARG D 45 -22.26 42.69 -1.27
C ARG D 45 -20.74 42.85 -1.14
N ALA D 46 -20.30 43.58 -0.12
CA ALA D 46 -18.87 43.75 0.10
C ALA D 46 -18.20 42.43 0.46
N LEU D 47 -18.90 41.57 1.21
CA LEU D 47 -18.33 40.28 1.58
C LEU D 47 -18.11 39.41 0.34
N LEU D 48 -19.10 39.36 -0.54
CA LEU D 48 -19.01 38.50 -1.72
C LEU D 48 -17.89 38.92 -2.66
N ASN D 49 -17.44 40.18 -2.59
CA ASN D 49 -16.37 40.69 -3.43
C ASN D 49 -15.12 41.06 -2.65
N ILE D 50 -14.95 40.50 -1.45
CA ILE D 50 -13.87 40.97 -0.58
C ILE D 50 -12.52 40.53 -1.15
N ARG D 51 -11.54 41.41 -1.03
CA ARG D 51 -10.21 41.24 -1.58
C ARG D 51 -9.17 41.23 -0.47
N PRO D 52 -7.96 40.72 -0.73
CA PRO D 52 -6.93 40.71 0.31
C PRO D 52 -6.62 42.07 0.92
N TYR D 53 -6.50 43.13 0.10
CA TYR D 53 -6.17 44.43 0.67
C TYR D 53 -7.29 44.97 1.53
N GLU D 54 -8.54 44.61 1.22
CA GLU D 54 -9.66 45.03 2.05
C GLU D 54 -9.67 44.28 3.38
N LEU D 55 -9.29 43.00 3.36
CA LEU D 55 -9.08 42.29 4.62
C LEU D 55 -7.97 42.95 5.43
N GLU D 56 -6.93 43.44 4.76
CA GLU D 56 -5.87 44.14 5.46
C GLU D 56 -6.35 45.48 5.99
N ASN D 57 -7.22 46.17 5.25
CA ASN D 57 -7.85 47.38 5.77
C ASN D 57 -8.69 47.10 7.01
N LEU D 58 -9.18 45.87 7.15
CA LEU D 58 -9.90 45.44 8.34
C LEU D 58 -8.98 44.99 9.46
N GLY D 59 -7.67 45.12 9.29
CA GLY D 59 -6.71 44.69 10.27
C GLY D 59 -6.30 43.23 10.18
N MET D 60 -6.79 42.50 9.18
CA MET D 60 -6.44 41.08 9.03
C MET D 60 -5.18 40.99 8.19
N LEU D 61 -4.04 41.14 8.87
CA LEU D 61 -2.74 41.14 8.20
C LEU D 61 -2.15 39.75 8.04
N ARG D 62 -2.54 38.79 8.88
CA ARG D 62 -2.05 37.43 8.75
C ARG D 62 -2.67 36.78 7.51
N ILE D 63 -1.81 36.38 6.56
CA ILE D 63 -2.29 35.81 5.32
C ILE D 63 -3.02 34.49 5.56
N GLY D 64 -2.59 33.72 6.56
CA GLY D 64 -3.33 32.51 6.92
C GLY D 64 -4.77 32.80 7.29
N HIS D 65 -5.00 33.89 8.01
CA HIS D 65 -6.37 34.26 8.36
C HIS D 65 -7.13 34.75 7.13
N GLN D 66 -6.48 35.53 6.26
CA GLN D 66 -7.12 35.97 5.02
C GLN D 66 -7.62 34.78 4.22
N GLU D 67 -6.82 33.71 4.12
CA GLU D 67 -7.19 32.56 3.31
C GLU D 67 -8.35 31.78 3.92
N ILE D 68 -8.54 31.86 5.25
CA ILE D 68 -9.75 31.30 5.85
C ILE D 68 -10.98 31.99 5.28
N VAL D 69 -10.96 33.32 5.24
CA VAL D 69 -12.10 34.08 4.71
C VAL D 69 -12.25 33.84 3.21
N LEU D 70 -11.16 33.97 2.46
CA LEU D 70 -11.24 33.91 1.01
C LEU D 70 -11.71 32.54 0.53
N GLU D 71 -11.21 31.47 1.15
CA GLU D 71 -11.68 30.13 0.79
C GLU D 71 -13.16 29.97 1.10
N ALA D 72 -13.59 30.45 2.26
CA ALA D 72 -14.99 30.32 2.64
C ALA D 72 -15.89 31.16 1.74
N VAL D 73 -15.47 32.38 1.42
CA VAL D 73 -16.28 33.25 0.57
C VAL D 73 -16.40 32.66 -0.83
N GLU D 74 -15.35 31.98 -1.32
CA GLU D 74 -15.43 31.33 -2.62
C GLU D 74 -16.53 30.28 -2.65
N ASN D 75 -16.68 29.53 -1.56
CA ASN D 75 -17.80 28.60 -1.44
C ASN D 75 -19.12 29.36 -1.37
N LEU D 76 -19.15 30.46 -0.61
CA LEU D 76 -20.36 31.27 -0.50
C LEU D 76 -20.74 31.90 -1.84
N ARG D 77 -19.74 32.34 -2.61
CA ARG D 77 -20.00 32.91 -3.92
C ARG D 77 -20.61 31.88 -4.86
N ASN D 78 -20.11 30.65 -4.83
CA ASN D 78 -20.63 29.61 -5.71
C ASN D 78 -22.08 29.27 -5.36
N PHE D 79 -22.39 29.20 -4.06
CA PHE D 79 -23.75 28.92 -3.63
C PHE D 79 -24.71 30.04 -4.03
N HIS D 80 -24.27 31.29 -3.96
CA HIS D 80 -25.16 32.42 -4.17
C HIS D 80 -25.35 32.78 -5.64
N TYR D 81 -24.29 32.69 -6.45
CA TYR D 81 -24.36 33.18 -7.82
C TYR D 81 -24.62 32.08 -8.86
N HIS D 82 -24.29 30.83 -8.57
CA HIS D 82 -24.29 29.80 -9.60
C HIS D 82 -25.03 28.54 -9.15
N LEU D 83 -26.02 28.67 -8.26
CA LEU D 83 -26.80 27.52 -7.85
C LEU D 83 -27.52 26.86 -9.02
N LYS D 84 -27.94 27.67 -10.00
CA LYS D 84 -28.65 27.13 -11.15
C LYS D 84 -27.78 26.19 -11.97
N ASN D 85 -26.46 26.43 -11.99
CA ASN D 85 -25.53 25.59 -12.75
C ASN D 85 -24.85 24.54 -11.89
N ASP D 86 -25.38 24.26 -10.69
CA ASP D 86 -24.78 23.26 -9.82
C ASP D 86 -25.21 21.88 -10.31
N ASN D 87 -24.59 21.46 -11.41
CA ASN D 87 -24.93 20.19 -12.04
C ASN D 87 -23.68 19.61 -12.70
N LEU D 88 -23.82 18.40 -13.24
CA LEU D 88 -22.69 17.67 -13.77
C LEU D 88 -22.12 18.36 -15.01
N GLN D 89 -22.98 18.94 -15.84
CA GLN D 89 -22.52 19.56 -17.09
C GLN D 89 -21.58 20.73 -16.82
N PHE D 90 -21.96 21.62 -15.92
CA PHE D 90 -21.13 22.79 -15.65
C PHE D 90 -19.93 22.46 -14.78
N MET D 91 -19.99 21.39 -13.98
CA MET D 91 -18.78 20.86 -13.36
C MET D 91 -17.81 20.36 -14.42
N ALA D 92 -18.33 19.68 -15.44
CA ALA D 92 -17.48 19.22 -16.53
C ALA D 92 -16.92 20.38 -17.34
N LEU D 93 -17.69 21.46 -17.48
CA LEU D 93 -17.19 22.64 -18.19
C LEU D 93 -15.99 23.25 -17.47
N HIS D 94 -16.02 23.28 -16.14
CA HIS D 94 -14.85 23.75 -15.39
C HIS D 94 -13.64 22.87 -15.65
N VAL D 95 -13.84 21.55 -15.71
CA VAL D 95 -12.74 20.64 -15.99
C VAL D 95 -12.20 20.88 -17.40
N ALA D 96 -13.09 20.97 -18.39
CA ALA D 96 -12.66 21.22 -19.76
C ALA D 96 -11.91 22.56 -19.86
N THR D 97 -12.38 23.57 -19.15
CA THR D 97 -11.72 24.88 -19.18
C THR D 97 -10.32 24.80 -18.58
N ALA D 98 -10.19 24.12 -17.43
CA ALA D 98 -8.88 24.01 -16.80
C ALA D 98 -7.94 23.15 -17.64
N ALA D 99 -8.45 22.07 -18.23
CA ALA D 99 -7.61 21.22 -19.07
C ALA D 99 -7.13 21.97 -20.30
N LYS D 100 -8.02 22.72 -20.95
CA LYS D 100 -7.63 23.51 -22.11
C LYS D 100 -6.62 24.59 -21.72
N ASN D 101 -6.80 25.20 -20.54
CA ASN D 101 -5.84 26.19 -20.08
C ASN D 101 -4.46 25.57 -19.88
N LEU D 102 -4.40 24.39 -19.26
CA LEU D 102 -3.13 23.69 -19.10
C LEU D 102 -2.51 23.37 -20.46
N HIS D 103 -3.35 23.00 -21.43
CA HIS D 103 -2.86 22.68 -22.77
C HIS D 103 -2.21 23.90 -23.42
N ARG D 104 -2.85 25.06 -23.31
CA ARG D 104 -2.29 26.28 -23.89
C ARG D 104 -0.95 26.63 -23.25
N GLU D 105 -0.83 26.43 -21.93
CA GLU D 105 0.42 26.73 -21.25
C GLU D 105 1.57 25.86 -21.74
N LEU D 106 1.28 24.63 -22.15
CA LEU D 106 2.31 23.73 -22.65
C LEU D 106 2.77 24.08 -24.06
N ALA D 107 1.98 24.88 -24.79
CA ALA D 107 2.37 25.31 -26.13
C ALA D 107 3.29 26.54 -26.06
N LYS D 115 13.22 19.08 -16.25
CA LYS D 115 12.49 19.69 -15.15
C LYS D 115 11.23 20.38 -15.65
N ILE D 116 10.10 20.09 -15.01
CA ILE D 116 8.83 20.71 -15.34
C ILE D 116 8.77 22.08 -14.68
N ASP D 117 8.42 23.10 -15.47
CA ASP D 117 8.30 24.45 -14.93
C ASP D 117 7.27 24.48 -13.80
N THR D 118 7.57 25.27 -12.76
CA THR D 118 6.66 25.40 -11.64
C THR D 118 5.29 25.93 -12.08
N ARG D 119 5.28 26.84 -13.05
CA ARG D 119 4.02 27.35 -13.58
C ARG D 119 3.15 26.21 -14.13
N ILE D 120 3.76 25.28 -14.86
CA ILE D 120 3.01 24.14 -15.37
C ILE D 120 2.54 23.25 -14.22
N LEU D 121 3.43 23.00 -13.24
CA LEU D 121 3.03 22.23 -12.06
C LEU D 121 1.85 22.85 -11.35
N HIS D 122 1.83 24.18 -11.22
CA HIS D 122 0.71 24.85 -10.57
C HIS D 122 -0.58 24.68 -11.34
N ASP D 123 -0.51 24.82 -12.68
CA ASP D 123 -1.71 24.63 -13.49
C ASP D 123 -2.25 23.21 -13.38
N ILE D 124 -1.38 22.24 -13.15
CA ILE D 124 -1.83 20.86 -13.01
C ILE D 124 -2.60 20.67 -11.71
N THR D 125 -2.15 21.28 -10.62
CA THR D 125 -2.87 21.17 -9.36
C THR D 125 -4.23 21.84 -9.44
N ARG D 126 -4.31 22.99 -10.12
CA ARG D 126 -5.60 23.64 -10.30
C ARG D 126 -6.51 22.81 -11.19
N THR D 127 -5.95 22.13 -12.19
CA THR D 127 -6.74 21.26 -13.03
C THR D 127 -7.30 20.08 -12.24
N ILE D 128 -6.44 19.43 -11.44
CA ILE D 128 -6.87 18.31 -10.61
C ILE D 128 -7.94 18.76 -9.62
N ALA D 129 -7.86 20.00 -9.14
CA ALA D 129 -8.86 20.51 -8.20
C ALA D 129 -10.26 20.49 -8.80
N THR D 130 -10.37 20.76 -10.10
CA THR D 130 -11.68 20.76 -10.75
C THR D 130 -12.29 19.37 -10.83
N LEU D 131 -11.49 18.32 -10.67
CA LEU D 131 -12.02 16.96 -10.72
C LEU D 131 -12.84 16.65 -9.47
N LYS D 132 -12.53 17.29 -8.35
CA LYS D 132 -13.13 16.90 -7.07
C LYS D 132 -14.64 17.11 -7.02
N PRO D 133 -15.20 18.25 -7.48
CA PRO D 133 -16.68 18.33 -7.47
C PRO D 133 -17.33 17.39 -8.46
N LEU D 134 -16.72 17.18 -9.63
CA LEU D 134 -17.27 16.25 -10.61
C LEU D 134 -17.28 14.82 -10.07
N VAL D 135 -16.14 14.35 -9.56
CA VAL D 135 -16.05 13.00 -9.03
C VAL D 135 -16.95 12.84 -7.81
N GLY D 136 -16.96 13.86 -6.93
CA GLY D 136 -17.83 13.80 -5.76
C GLY D 136 -19.30 13.67 -6.13
N SER D 137 -19.73 14.38 -7.17
CA SER D 137 -21.12 14.27 -7.60
C SER D 137 -21.39 12.92 -8.28
N LEU D 138 -20.41 12.40 -9.02
CA LEU D 138 -20.58 11.12 -9.70
C LEU D 138 -20.70 9.97 -8.71
N GLU D 139 -20.12 10.10 -7.52
CA GLU D 139 -20.13 9.04 -6.53
C GLU D 139 -21.28 9.17 -5.53
N ARG D 140 -22.31 9.92 -5.88
CA ARG D 140 -23.53 10.02 -5.08
C ARG D 140 -24.74 9.83 -5.99
N THR D 141 -25.90 9.66 -5.35
CA THR D 141 -27.13 9.54 -6.10
C THR D 141 -27.37 10.79 -6.94
N PRO D 142 -27.95 10.66 -8.14
CA PRO D 142 -28.46 9.45 -8.78
C PRO D 142 -27.47 8.81 -9.75
N PHE D 143 -26.24 9.33 -9.81
CA PHE D 143 -25.24 8.80 -10.72
C PHE D 143 -24.49 7.62 -10.14
N ARG D 144 -24.47 7.48 -8.82
CA ARG D 144 -23.67 6.43 -8.18
C ARG D 144 -24.09 5.04 -8.65
N LYS D 145 -25.40 4.82 -8.85
CA LYS D 145 -25.92 3.49 -9.13
C LYS D 145 -26.12 3.25 -10.63
N GLN D 146 -25.49 4.04 -11.48
CA GLN D 146 -25.51 3.83 -12.92
C GLN D 146 -24.13 3.41 -13.41
N GLU D 147 -24.07 2.29 -14.14
CA GLU D 147 -22.79 1.71 -14.52
C GLU D 147 -21.99 2.66 -15.40
N MET D 148 -22.67 3.39 -16.29
CA MET D 148 -21.96 4.27 -17.21
C MET D 148 -21.26 5.39 -16.47
N TYR D 149 -21.92 5.97 -15.46
CA TYR D 149 -21.29 7.05 -14.70
C TYR D 149 -20.15 6.54 -13.83
N ARG D 150 -20.24 5.30 -13.35
CA ARG D 150 -19.15 4.73 -12.57
C ARG D 150 -17.91 4.48 -13.44
N GLU D 151 -18.11 3.95 -14.65
CA GLU D 151 -16.99 3.77 -15.56
C GLU D 151 -16.40 5.12 -15.97
N TYR D 152 -17.27 6.11 -16.22
CA TYR D 152 -16.79 7.45 -16.54
C TYR D 152 -15.99 8.04 -15.38
N CYS D 153 -16.51 7.91 -14.16
CA CYS D 153 -15.78 8.40 -12.99
C CYS D 153 -14.40 7.73 -12.88
N GLY D 154 -14.33 6.43 -13.15
CA GLY D 154 -13.06 5.73 -13.09
C GLY D 154 -12.07 6.25 -14.13
N ASN D 155 -12.56 6.59 -15.32
CA ASN D 155 -11.68 7.13 -16.36
C ASN D 155 -11.17 8.51 -15.98
N VAL D 156 -12.02 9.34 -15.38
CA VAL D 156 -11.59 10.68 -14.95
C VAL D 156 -10.50 10.57 -13.88
N LEU D 157 -10.71 9.68 -12.90
CA LEU D 157 -9.73 9.53 -11.82
C LEU D 157 -8.43 8.95 -12.33
N LYS D 158 -8.49 7.98 -13.25
CA LYS D 158 -7.28 7.40 -13.81
C LYS D 158 -6.48 8.45 -14.58
N CYS D 159 -7.16 9.28 -15.37
CA CYS D 159 -6.47 10.33 -16.11
C CYS D 159 -5.89 11.38 -15.16
N GLY D 160 -6.63 11.75 -14.12
CA GLY D 160 -6.12 12.71 -13.16
C GLY D 160 -4.91 12.18 -12.40
N LEU D 161 -4.95 10.90 -12.01
CA LEU D 161 -3.82 10.29 -11.32
C LEU D 161 -2.57 10.30 -12.19
N GLU D 162 -2.73 10.00 -13.49
CA GLU D 162 -1.59 10.04 -14.40
C GLU D 162 -1.01 11.45 -14.47
N LEU D 163 -1.87 12.47 -14.56
CA LEU D 163 -1.41 13.84 -14.57
C LEU D 163 -0.60 14.16 -13.31
N ALA D 164 -1.12 13.79 -12.15
CA ALA D 164 -0.47 14.15 -10.89
C ALA D 164 0.86 13.43 -10.73
N THR D 165 0.91 12.12 -11.06
CA THR D 165 2.13 11.36 -10.83
C THR D 165 3.24 11.78 -11.79
N ILE D 166 2.89 12.10 -13.04
CA ILE D 166 3.90 12.58 -13.98
C ILE D 166 4.46 13.92 -13.53
N ALA D 167 3.58 14.82 -13.07
CA ALA D 167 4.04 16.11 -12.59
C ALA D 167 4.96 15.97 -11.39
N HIS D 168 4.61 15.10 -10.45
CA HIS D 168 5.39 14.74 -9.27
C HIS D 168 6.61 13.86 -9.60
N ARG D 169 6.88 13.68 -10.90
CA ARG D 169 7.98 12.88 -11.42
C ARG D 169 7.79 11.40 -11.10
N ASP D 170 6.70 10.84 -11.62
CA ASP D 170 6.34 9.41 -11.56
C ASP D 170 6.94 8.63 -10.39
N ALA D 173 10.41 10.77 -16.25
CA ALA D 173 10.74 11.97 -17.03
C ALA D 173 11.17 11.61 -18.44
N LEU D 174 10.42 10.70 -19.08
CA LEU D 174 10.63 10.36 -20.48
C LEU D 174 9.77 11.32 -21.31
N GLN D 175 10.32 12.53 -21.52
CA GLN D 175 9.66 13.61 -22.24
C GLN D 175 8.38 13.96 -21.51
N PRO D 176 8.46 14.66 -20.37
CA PRO D 176 7.25 14.86 -19.55
C PRO D 176 6.24 15.80 -20.19
N VAL D 177 6.71 16.86 -20.86
CA VAL D 177 5.78 17.84 -21.43
C VAL D 177 4.83 17.22 -22.44
N PRO D 178 5.28 16.40 -23.39
CA PRO D 178 4.29 15.71 -24.26
C PRO D 178 3.37 14.79 -23.50
N ALA D 179 3.87 14.11 -22.47
CA ALA D 179 3.02 13.21 -21.69
C ALA D 179 1.96 13.99 -20.93
N ILE D 180 2.33 15.12 -20.31
CA ILE D 180 1.35 15.97 -19.65
C ILE D 180 0.36 16.52 -20.67
N ARG D 181 0.86 16.88 -21.85
CA ARG D 181 -0.01 17.39 -22.91
C ARG D 181 -1.02 16.33 -23.34
N GLN D 182 -0.59 15.08 -23.42
CA GLN D 182 -1.50 13.99 -23.80
C GLN D 182 -2.56 13.77 -22.73
N SER D 183 -2.17 13.84 -21.45
CA SER D 183 -3.15 13.70 -20.37
C SER D 183 -4.15 14.85 -20.37
N ALA D 184 -3.67 16.07 -20.64
CA ALA D 184 -4.57 17.22 -20.68
C ALA D 184 -5.60 17.08 -21.79
N GLU D 185 -5.19 16.58 -22.96
CA GLU D 185 -6.13 16.37 -24.05
C GLU D 185 -7.14 15.27 -23.71
N ARG D 186 -6.67 14.19 -23.06
CA ARG D 186 -7.57 13.12 -22.66
C ARG D 186 -8.60 13.62 -21.64
N LEU D 187 -8.16 14.45 -20.70
CA LEU D 187 -9.09 14.99 -19.70
C LEU D 187 -10.11 15.91 -20.34
N GLU D 188 -9.69 16.73 -21.31
CA GLU D 188 -10.63 17.56 -22.05
C GLU D 188 -11.65 16.70 -22.79
N ASN D 189 -11.19 15.61 -23.41
CA ASN D 189 -12.12 14.70 -24.08
C ASN D 189 -13.10 14.08 -23.10
N LEU D 190 -12.62 13.69 -21.91
CA LEU D 190 -13.50 13.11 -20.91
C LEU D 190 -14.54 14.10 -20.44
N ALA D 191 -14.15 15.35 -20.23
CA ALA D 191 -15.12 16.38 -19.87
C ALA D 191 -16.18 16.54 -20.96
N ASN D 192 -15.76 16.50 -22.22
CA ASN D 192 -16.70 16.65 -23.33
C ASN D 192 -17.66 15.48 -23.46
N PHE D 193 -17.35 14.34 -22.84
CA PHE D 193 -18.29 13.23 -22.83
C PHE D 193 -19.61 13.62 -22.18
N VAL D 194 -19.54 14.35 -21.06
CA VAL D 194 -20.75 14.86 -20.43
C VAL D 194 -21.36 15.99 -21.24
N ILE D 195 -20.52 16.91 -21.71
CA ILE D 195 -21.01 18.15 -22.32
C ILE D 195 -21.64 17.88 -23.69
N GLN D 196 -21.06 16.95 -24.45
CA GLN D 196 -21.43 16.75 -25.85
C GLN D 196 -22.11 15.42 -26.12
N ASP D 197 -21.68 14.35 -25.44
CA ASP D 197 -22.09 12.99 -25.80
C ASP D 197 -23.27 12.48 -24.98
N ILE D 198 -23.40 12.90 -23.72
CA ILE D 198 -24.48 12.40 -22.88
C ILE D 198 -25.72 13.23 -23.15
N SER D 199 -26.85 12.56 -23.33
CA SER D 199 -28.14 13.23 -23.50
C SER D 199 -29.03 13.08 -22.27
N ASP D 200 -28.54 12.45 -21.22
CA ASP D 200 -29.26 12.33 -19.97
C ASP D 200 -29.60 13.73 -19.44
N PRO D 201 -30.88 14.09 -19.32
CA PRO D 201 -31.22 15.42 -18.82
C PRO D 201 -30.74 15.68 -17.39
N MET D 202 -30.38 14.62 -16.66
CA MET D 202 -29.98 14.79 -15.26
C MET D 202 -28.71 15.62 -15.13
N VAL D 203 -27.84 15.60 -16.15
CA VAL D 203 -26.59 16.36 -16.08
C VAL D 203 -26.82 17.86 -16.18
N LEU D 204 -28.01 18.28 -16.59
CA LEU D 204 -28.34 19.69 -16.70
C LEU D 204 -29.34 20.15 -15.64
N GLN D 205 -29.72 19.27 -14.71
CA GLN D 205 -30.70 19.64 -13.71
C GLN D 205 -30.06 20.55 -12.66
N PRO D 206 -30.66 21.71 -12.37
CA PRO D 206 -30.16 22.53 -11.28
C PRO D 206 -30.44 21.88 -9.94
N ALA D 207 -29.59 22.21 -8.96
CA ALA D 207 -29.84 21.78 -7.60
C ALA D 207 -30.85 22.70 -6.93
N SER D 208 -31.63 22.15 -6.01
CA SER D 208 -32.68 22.89 -5.35
C SER D 208 -32.49 22.85 -3.84
N LEU D 209 -33.06 23.86 -3.18
CA LEU D 209 -33.04 23.96 -1.73
C LEU D 209 -34.42 23.65 -1.18
N ASN D 210 -34.45 22.96 -0.04
CA ASN D 210 -35.70 22.60 0.62
C ASN D 210 -35.58 22.82 2.11
N LEU D 211 -36.67 23.29 2.73
CA LEU D 211 -36.74 23.42 4.17
C LEU D 211 -37.30 22.13 4.77
N VAL D 212 -36.57 21.55 5.72
CA VAL D 212 -36.98 20.34 6.42
C VAL D 212 -37.03 20.67 7.90
N THR D 213 -38.22 20.52 8.50
CA THR D 213 -38.39 20.76 9.92
C THR D 213 -38.34 19.42 10.64
N LEU D 214 -37.44 19.32 11.62
CA LEU D 214 -37.24 18.10 12.41
C LEU D 214 -37.44 18.39 13.89
N LYS D 215 -38.06 17.45 14.60
CA LYS D 215 -38.23 17.55 16.04
C LYS D 215 -37.36 16.48 16.70
N LYS D 216 -36.45 16.92 17.56
CA LYS D 216 -35.49 16.01 18.18
C LYS D 216 -36.21 14.97 19.05
N ARG D 217 -35.79 13.72 18.91
CA ARG D 217 -36.21 12.64 19.79
C ARG D 217 -34.97 12.12 20.51
N GLU D 218 -35.01 12.12 21.84
CA GLU D 218 -33.84 11.82 22.66
C GLU D 218 -32.68 12.77 22.33
N SER D 219 -33.03 14.02 22.02
CA SER D 219 -32.06 15.08 21.73
C SER D 219 -31.11 14.69 20.61
N GLU D 220 -31.65 14.07 19.56
CA GLU D 220 -30.85 13.77 18.37
C GLU D 220 -31.77 13.64 17.17
N LEU D 221 -31.28 14.06 16.01
CA LEU D 221 -32.06 14.02 14.78
C LEU D 221 -31.91 12.71 14.02
N GLY D 222 -30.90 11.90 14.34
CA GLY D 222 -30.76 10.60 13.74
C GLY D 222 -29.88 10.53 12.52
N PHE D 223 -28.86 11.39 12.42
CA PHE D 223 -27.92 11.31 11.31
C PHE D 223 -26.58 11.90 11.75
N ASN D 224 -25.54 11.60 10.98
CA ASN D 224 -24.23 12.18 11.16
C ASN D 224 -23.93 13.13 10.02
N ILE D 225 -22.96 14.01 10.26
CA ILE D 225 -22.53 15.00 9.27
C ILE D 225 -21.09 14.70 8.89
N GLU D 226 -20.87 14.44 7.60
CA GLU D 226 -19.51 14.36 7.07
C GLU D 226 -19.18 15.71 6.44
N SER D 227 -18.11 16.33 6.93
CA SER D 227 -17.71 17.64 6.46
C SER D 227 -16.44 17.50 5.63
N SER D 228 -16.49 17.97 4.39
CA SER D 228 -15.30 18.04 3.57
C SER D 228 -14.31 19.03 4.19
N TYR D 229 -13.10 19.05 3.65
CA TYR D 229 -12.08 19.97 4.16
C TYR D 229 -12.49 21.43 3.99
N ASN D 230 -13.25 21.74 2.93
CA ASN D 230 -13.58 23.10 2.58
C ASN D 230 -14.94 23.56 3.11
N GLY D 231 -15.55 22.80 4.01
CA GLY D 231 -16.76 23.25 4.66
C GLY D 231 -18.06 22.96 3.95
N ILE D 232 -18.16 21.82 3.25
CA ILE D 232 -19.42 21.33 2.72
C ILE D 232 -19.88 20.19 3.63
N HIS D 233 -21.09 20.33 4.17
CA HIS D 233 -21.58 19.45 5.23
C HIS D 233 -22.72 18.60 4.69
N ARG D 234 -22.53 17.28 4.69
CA ARG D 234 -23.47 16.36 4.08
C ARG D 234 -24.03 15.39 5.12
N VAL D 235 -25.30 15.04 4.94
CA VAL D 235 -25.95 14.07 5.83
C VAL D 235 -25.45 12.66 5.51
N THR D 236 -25.12 11.91 6.55
CA THR D 236 -24.72 10.52 6.41
C THR D 236 -25.22 9.73 7.60
N ASP D 237 -25.25 8.40 7.45
CA ASP D 237 -25.56 7.47 8.53
C ASP D 237 -26.93 7.75 9.14
N ILE D 238 -27.95 7.79 8.29
CA ILE D 238 -29.31 8.01 8.77
C ILE D 238 -29.77 6.78 9.55
N LYS D 239 -30.24 7.00 10.78
CA LYS D 239 -30.70 5.92 11.64
C LYS D 239 -32.14 5.56 11.31
N TYR D 240 -32.44 4.26 11.36
CA TYR D 240 -33.79 3.78 11.10
C TYR D 240 -34.75 4.32 12.14
N ASN D 241 -35.93 4.77 11.67
CA ASN D 241 -37.02 5.26 12.49
C ASN D 241 -36.67 6.53 13.26
N SER D 242 -35.61 7.23 12.86
CA SER D 242 -35.23 8.49 13.48
C SER D 242 -36.07 9.62 12.90
N PRO D 243 -36.08 10.79 13.54
CA PRO D 243 -36.79 11.94 12.95
C PRO D 243 -36.34 12.26 11.54
N ALA D 244 -35.04 12.13 11.25
CA ALA D 244 -34.56 12.35 9.89
C ALA D 244 -35.16 11.32 8.92
N HIS D 245 -35.11 10.05 9.30
CA HIS D 245 -35.64 8.99 8.44
C HIS D 245 -37.15 9.13 8.28
N ASN D 246 -37.86 9.44 9.37
CA ASN D 246 -39.32 9.51 9.33
C ASN D 246 -39.84 10.74 8.60
N SER D 247 -39.03 11.80 8.47
CA SER D 247 -39.47 12.96 7.72
C SER D 247 -39.64 12.64 6.24
N GLY D 248 -38.92 11.62 5.74
CA GLY D 248 -38.96 11.31 4.33
C GLY D 248 -38.38 12.36 3.42
N LYS D 249 -37.69 13.37 3.97
CA LYS D 249 -37.15 14.46 3.17
C LYS D 249 -35.64 14.60 3.29
N ILE D 250 -34.96 13.65 3.92
CA ILE D 250 -33.51 13.71 4.08
C ILE D 250 -32.91 12.38 3.65
N GLU D 251 -31.96 12.43 2.73
CA GLU D 251 -31.26 11.25 2.23
C GLU D 251 -29.76 11.41 2.44
N ASP D 252 -29.04 10.29 2.33
CA ASP D 252 -27.59 10.34 2.43
C ASP D 252 -27.01 11.21 1.32
N GLY D 253 -26.00 12.00 1.66
CA GLY D 253 -25.37 12.88 0.71
C GLY D 253 -25.99 14.26 0.59
N ASP D 254 -27.20 14.46 1.15
CA ASP D 254 -27.81 15.79 1.10
C ASP D 254 -26.96 16.79 1.86
N GLU D 255 -26.80 17.98 1.30
CA GLU D 255 -25.96 19.02 1.88
C GLU D 255 -26.81 19.94 2.75
N ILE D 256 -26.33 20.18 3.97
CA ILE D 256 -26.95 21.14 4.87
C ILE D 256 -26.31 22.50 4.62
N VAL D 257 -27.11 23.46 4.17
CA VAL D 257 -26.62 24.81 3.91
C VAL D 257 -27.05 25.81 4.97
N GLN D 258 -28.13 25.55 5.70
CA GLN D 258 -28.53 26.41 6.82
C GLN D 258 -29.07 25.56 7.95
N ILE D 259 -28.90 26.07 9.17
CA ILE D 259 -29.49 25.49 10.38
C ILE D 259 -30.24 26.61 11.07
N ASN D 260 -31.57 26.49 11.14
CA ASN D 260 -32.43 27.54 11.70
C ASN D 260 -32.14 28.88 11.04
N TYR D 261 -32.05 28.86 9.71
CA TYR D 261 -31.88 30.03 8.85
C TYR D 261 -30.54 30.72 9.03
N GLN D 262 -29.60 30.08 9.72
CA GLN D 262 -28.21 30.54 9.77
C GLN D 262 -27.41 29.77 8.72
N THR D 263 -26.90 30.49 7.72
CA THR D 263 -26.09 29.85 6.69
C THR D 263 -24.80 29.31 7.29
N VAL D 264 -24.48 28.06 6.96
CA VAL D 264 -23.30 27.38 7.48
C VAL D 264 -22.36 26.92 6.38
N VAL D 265 -22.60 27.35 5.15
CA VAL D 265 -21.68 27.04 4.05
C VAL D 265 -20.31 27.62 4.37
N GLY D 266 -19.29 26.77 4.32
CA GLY D 266 -17.94 27.18 4.63
C GLY D 266 -17.54 27.05 6.08
N TRP D 267 -18.50 26.80 6.98
CA TRP D 267 -18.21 26.68 8.39
C TRP D 267 -17.37 25.45 8.69
N GLN D 268 -16.72 25.49 9.85
CA GLN D 268 -16.01 24.33 10.37
C GLN D 268 -16.99 23.23 10.73
N HIS D 269 -16.47 22.00 10.78
CA HIS D 269 -17.30 20.88 11.19
C HIS D 269 -17.78 21.04 12.62
N ARG D 270 -16.89 21.50 13.52
CA ARG D 270 -17.23 21.59 14.93
C ARG D 270 -18.35 22.59 15.19
N THR D 271 -18.31 23.75 14.52
CA THR D 271 -19.29 24.78 14.80
C THR D 271 -20.66 24.43 14.21
N VAL D 272 -20.69 23.61 13.15
CA VAL D 272 -21.97 23.15 12.63
C VAL D 272 -22.62 22.18 13.62
N LEU D 273 -21.85 21.25 14.18
CA LEU D 273 -22.39 20.34 15.18
C LEU D 273 -22.84 21.09 16.43
N GLU D 274 -22.03 22.05 16.89
CA GLU D 274 -22.42 22.84 18.05
C GLU D 274 -23.72 23.60 17.80
N HIS D 275 -23.91 24.09 16.57
CA HIS D 275 -25.12 24.82 16.24
C HIS D 275 -26.34 23.91 16.22
N LEU D 276 -26.17 22.67 15.72
CA LEU D 276 -27.27 21.73 15.72
C LEU D 276 -27.61 21.26 17.13
N ARG D 277 -26.59 20.94 17.93
CA ARG D 277 -26.83 20.49 19.30
C ARG D 277 -27.48 21.58 20.14
N GLU D 278 -26.98 22.81 20.03
CA GLU D 278 -27.55 23.93 20.79
C GLU D 278 -28.95 24.31 20.33
N ALA D 279 -29.39 23.84 19.17
CA ALA D 279 -30.70 24.21 18.67
C ALA D 279 -31.79 23.55 19.51
N LEU D 280 -32.92 24.25 19.63
CA LEU D 280 -34.09 23.75 20.34
C LEU D 280 -34.58 22.46 19.68
N PRO D 281 -35.50 21.70 20.31
CA PRO D 281 -36.00 20.48 19.65
C PRO D 281 -36.56 20.71 18.26
N ASP D 282 -37.04 21.92 17.98
CA ASP D 282 -37.56 22.27 16.66
C ASP D 282 -36.42 22.84 15.84
N VAL D 283 -35.97 22.08 14.84
CA VAL D 283 -34.85 22.47 14.00
C VAL D 283 -35.33 22.52 12.56
N VAL D 284 -34.99 23.61 11.87
CA VAL D 284 -35.32 23.80 10.46
C VAL D 284 -34.01 23.72 9.68
N LEU D 285 -33.89 22.72 8.82
CA LEU D 285 -32.71 22.52 8.00
C LEU D 285 -33.02 23.02 6.59
N THR D 286 -32.12 23.84 6.04
CA THR D 286 -32.14 24.17 4.63
C THR D 286 -31.19 23.22 3.93
N VAL D 287 -31.72 22.41 3.02
CA VAL D 287 -31.01 21.28 2.47
C VAL D 287 -30.88 21.45 0.97
N LYS D 288 -29.65 21.34 0.47
CA LYS D 288 -29.43 21.22 -0.96
C LYS D 288 -29.65 19.78 -1.35
N LYS D 289 -30.34 19.56 -2.45
CA LYS D 289 -30.85 18.25 -2.80
C LYS D 289 -30.30 17.81 -4.15
N ARG D 290 -30.08 16.53 -4.28
CA ARG D 290 -29.48 15.96 -5.46
C ARG D 290 -30.54 15.74 -6.53
N PRO D 291 -30.18 15.92 -7.82
CA PRO D 291 -31.10 15.78 -8.96
C PRO D 291 -31.72 14.39 -9.08
N PRO E 24 19.57 13.83 -18.17
CA PRO E 24 20.72 13.66 -17.28
C PRO E 24 21.29 12.25 -17.33
N LYS E 25 22.30 12.04 -18.18
CA LYS E 25 22.87 10.71 -18.35
C LYS E 25 23.49 10.23 -17.04
N ALA E 26 23.23 8.96 -16.71
CA ALA E 26 23.74 8.37 -15.49
C ALA E 26 25.27 8.37 -15.49
N VAL E 27 25.84 8.49 -14.29
CA VAL E 27 27.29 8.63 -14.15
C VAL E 27 28.02 7.45 -14.76
N TYR E 28 27.49 6.23 -14.60
CA TYR E 28 28.18 5.06 -15.14
C TYR E 28 28.30 5.09 -16.65
N LEU E 29 27.56 5.96 -17.33
CA LEU E 29 27.67 6.14 -18.78
C LEU E 29 28.62 7.26 -19.17
N TRP E 30 29.15 8.00 -18.20
CA TRP E 30 29.98 9.15 -18.51
C TRP E 30 31.29 8.73 -19.16
N THR E 31 31.64 9.40 -20.26
CA THR E 31 32.95 9.23 -20.87
C THR E 31 33.98 10.02 -20.06
N VAL E 32 35.25 9.92 -20.48
CA VAL E 32 36.29 10.73 -19.85
C VAL E 32 35.99 12.21 -20.05
N SER E 33 35.53 12.58 -21.24
CA SER E 33 35.16 13.97 -21.50
C SER E 33 34.02 14.42 -20.59
N ASP E 34 33.05 13.54 -20.34
CA ASP E 34 31.96 13.87 -19.42
C ASP E 34 32.49 14.15 -18.03
N VAL E 35 33.44 13.32 -17.56
CA VAL E 35 34.01 13.53 -16.23
C VAL E 35 34.78 14.84 -16.17
N LEU E 36 35.54 15.15 -17.23
CA LEU E 36 36.29 16.40 -17.24
C LEU E 36 35.35 17.61 -17.24
N LYS E 37 34.26 17.54 -18.00
CA LYS E 37 33.27 18.61 -17.95
C LYS E 37 32.66 18.72 -16.56
N TRP E 38 32.39 17.58 -15.93
CA TRP E 38 31.93 17.59 -14.54
C TRP E 38 33.00 18.17 -13.61
N TYR E 39 34.26 17.82 -13.85
CA TYR E 39 35.34 18.28 -12.98
C TYR E 39 35.49 19.80 -13.03
N ARG E 40 35.38 20.39 -14.22
CA ARG E 40 35.48 21.84 -14.31
C ARG E 40 34.36 22.53 -13.54
N ARG E 41 33.16 21.95 -13.53
CA ARG E 41 32.03 22.61 -12.88
C ARG E 41 32.16 22.57 -11.36
N HIS E 42 32.60 21.43 -10.82
CA HIS E 42 32.60 21.22 -9.38
C HIS E 42 33.98 21.29 -8.74
N CYS E 43 35.06 21.20 -9.53
CA CYS E 43 36.42 21.31 -9.02
C CYS E 43 37.18 22.40 -9.75
N GLY E 44 36.52 23.54 -9.97
CA GLY E 44 37.11 24.63 -10.75
C GLY E 44 38.31 25.26 -10.09
N GLU E 45 38.44 25.18 -8.77
CA GLU E 45 39.59 25.71 -8.08
C GLU E 45 40.77 24.74 -8.07
N TYR E 46 40.64 23.58 -8.72
CA TYR E 46 41.66 22.55 -8.70
C TYR E 46 41.90 22.02 -10.11
N THR E 47 41.93 22.93 -11.09
CA THR E 47 42.09 22.55 -12.49
C THR E 47 43.46 21.92 -12.76
N GLN E 48 44.45 22.14 -11.90
CA GLN E 48 45.78 21.61 -12.14
C GLN E 48 45.81 20.09 -12.13
N TYR E 49 44.81 19.44 -11.52
CA TYR E 49 44.71 17.98 -11.52
C TYR E 49 43.79 17.46 -12.60
N GLU E 50 43.20 18.34 -13.43
CA GLU E 50 42.24 17.90 -14.43
C GLU E 50 42.88 16.96 -15.45
N GLN E 51 44.09 17.28 -15.90
CA GLN E 51 44.78 16.42 -16.86
C GLN E 51 45.12 15.07 -16.26
N LEU E 52 45.23 14.98 -14.93
CA LEU E 52 45.45 13.70 -14.27
C LEU E 52 44.30 12.74 -14.54
N PHE E 53 43.06 13.25 -14.49
CA PHE E 53 41.89 12.42 -14.77
C PHE E 53 41.86 11.96 -16.23
N ALA E 54 42.30 12.81 -17.15
CA ALA E 54 42.34 12.42 -18.55
C ALA E 54 43.41 11.36 -18.79
N GLN E 55 44.58 11.52 -18.17
CA GLN E 55 45.68 10.59 -18.39
C GLN E 55 45.37 9.20 -17.83
N HIS E 56 44.56 9.12 -16.77
CA HIS E 56 44.24 7.87 -16.13
C HIS E 56 42.91 7.27 -16.61
N ASP E 57 42.30 7.87 -17.63
CA ASP E 57 41.04 7.39 -18.19
C ASP E 57 39.96 7.23 -17.11
N ILE E 58 39.78 8.31 -16.33
CA ILE E 58 38.72 8.30 -15.32
C ILE E 58 37.38 8.51 -16.01
N THR E 59 36.75 7.41 -16.40
CA THR E 59 35.38 7.44 -16.89
C THR E 59 34.42 7.61 -15.72
N GLY E 60 33.12 7.63 -16.03
CA GLY E 60 32.13 7.62 -14.96
C GLY E 60 32.20 6.36 -14.11
N ARG E 61 32.40 5.21 -14.75
CA ARG E 61 32.57 3.98 -13.99
C ARG E 61 33.76 4.07 -13.05
N ALA E 62 34.86 4.66 -13.53
CA ALA E 62 36.03 4.83 -12.67
C ALA E 62 35.77 5.85 -11.59
N LEU E 63 35.03 6.92 -11.91
CA LEU E 63 34.73 7.96 -10.93
C LEU E 63 33.95 7.40 -9.74
N LEU E 64 33.11 6.39 -9.98
CA LEU E 64 32.35 5.74 -8.92
C LEU E 64 33.18 4.78 -8.09
N ARG E 65 34.41 4.46 -8.52
CA ARG E 65 35.27 3.53 -7.79
C ARG E 65 36.48 4.21 -7.16
N ILE E 66 36.76 5.46 -7.51
CA ILE E 66 37.88 6.19 -6.91
C ILE E 66 37.67 6.34 -5.41
N THR E 67 38.77 6.19 -4.66
CA THR E 67 38.80 6.46 -3.23
C THR E 67 39.84 7.56 -2.95
N ASP E 68 39.89 7.98 -1.69
CA ASP E 68 40.95 8.87 -1.25
C ASP E 68 42.33 8.29 -1.53
N SER E 69 42.46 6.96 -1.37
CA SER E 69 43.74 6.30 -1.60
C SER E 69 44.15 6.37 -3.07
N SER E 70 43.23 6.12 -4.00
CA SER E 70 43.59 6.14 -5.41
C SER E 70 43.89 7.56 -5.89
N LEU E 71 43.31 8.57 -5.26
CA LEU E 71 43.69 9.95 -5.58
C LEU E 71 45.13 10.22 -5.17
N GLN E 72 45.55 9.72 -4.02
CA GLN E 72 46.96 9.83 -3.62
C GLN E 72 47.87 9.16 -4.64
N ARG E 73 47.53 7.93 -5.04
CA ARG E 73 48.38 7.22 -5.98
C ARG E 73 48.43 7.91 -7.34
N MET E 74 47.33 8.55 -7.74
CA MET E 74 47.34 9.31 -8.99
C MET E 74 48.28 10.50 -8.91
N GLY E 75 48.53 11.02 -7.70
CA GLY E 75 49.44 12.13 -7.53
C GLY E 75 48.85 13.36 -6.88
N VAL E 76 47.61 13.27 -6.42
CA VAL E 76 47.00 14.39 -5.70
C VAL E 76 47.54 14.36 -4.27
N THR E 77 48.74 14.93 -4.09
CA THR E 77 49.46 14.78 -2.83
C THR E 77 48.98 15.77 -1.77
N ASP E 78 48.67 17.00 -2.18
CA ASP E 78 48.23 18.01 -1.24
C ASP E 78 46.96 17.57 -0.54
N ASN E 79 46.99 17.56 0.80
CA ASN E 79 45.87 17.02 1.56
C ASN E 79 44.62 17.88 1.40
N ARG E 80 44.79 19.22 1.37
CA ARG E 80 43.63 20.09 1.19
C ARG E 80 43.03 19.93 -0.20
N ASP E 81 43.87 19.88 -1.24
CA ASP E 81 43.38 19.66 -2.59
C ASP E 81 42.66 18.32 -2.70
N ARG E 82 43.26 17.26 -2.15
CA ARG E 82 42.67 15.93 -2.28
C ARG E 82 41.35 15.84 -1.52
N GLU E 83 41.30 16.41 -0.31
CA GLU E 83 40.06 16.38 0.47
C GLU E 83 38.93 17.09 -0.26
N ALA E 84 39.23 18.22 -0.89
CA ALA E 84 38.20 18.97 -1.63
C ALA E 84 37.70 18.16 -2.82
N ILE E 85 38.61 17.56 -3.58
CA ILE E 85 38.23 16.78 -4.76
C ILE E 85 37.48 15.53 -4.34
N TRP E 86 38.00 14.81 -3.33
CA TRP E 86 37.35 13.60 -2.85
C TRP E 86 35.94 13.89 -2.34
N ARG E 87 35.75 15.06 -1.71
CA ARG E 87 34.42 15.42 -1.22
C ARG E 87 33.44 15.65 -2.37
N GLU E 88 33.91 16.27 -3.45
CA GLU E 88 33.05 16.47 -4.61
C GLU E 88 32.66 15.14 -5.25
N ILE E 89 33.60 14.20 -5.32
CA ILE E 89 33.30 12.89 -5.87
C ILE E 89 32.25 12.17 -5.03
N VAL E 90 32.39 12.22 -3.71
CA VAL E 90 31.43 11.57 -2.82
C VAL E 90 30.07 12.25 -2.94
N LYS E 91 30.05 13.59 -3.04
CA LYS E 91 28.78 14.29 -3.17
C LYS E 91 28.07 13.90 -4.46
N GLN E 92 28.83 13.70 -5.55
CA GLN E 92 28.22 13.24 -6.79
C GLN E 92 27.66 11.83 -6.64
N ARG E 93 28.32 10.98 -5.86
CA ARG E 93 27.80 9.64 -5.62
C ARG E 93 26.48 9.69 -4.87
N LEU E 94 26.37 10.61 -3.89
CA LEU E 94 25.11 10.76 -3.18
C LEU E 94 24.00 11.23 -4.11
N LYS E 95 24.31 12.15 -5.01
CA LYS E 95 23.33 12.59 -6.01
C LYS E 95 22.90 11.41 -6.88
N THR E 96 23.87 10.62 -7.35
CA THR E 96 23.54 9.43 -8.13
C THR E 96 22.72 8.45 -7.30
N ASP E 97 23.05 8.30 -6.02
CA ASP E 97 22.31 7.40 -5.15
C ASP E 97 20.84 7.81 -5.06
N ILE E 98 20.58 9.10 -4.85
CA ILE E 98 19.21 9.59 -4.74
C ILE E 98 18.42 9.28 -6.01
N MET E 99 19.04 9.50 -7.17
CA MET E 99 18.39 9.20 -8.44
C MET E 99 18.08 7.71 -8.56
N GLU E 100 19.03 6.86 -8.18
CA GLU E 100 18.84 5.42 -8.33
C GLU E 100 17.80 4.89 -7.35
N ILE E 101 17.76 5.45 -6.14
CA ILE E 101 16.79 5.00 -5.15
C ILE E 101 15.36 5.29 -5.60
N ARG E 102 15.15 6.47 -6.20
CA ARG E 102 13.83 6.80 -6.71
C ARG E 102 13.45 5.94 -7.89
N ASP E 103 14.42 5.56 -8.74
CA ASP E 103 14.13 4.63 -9.82
C ASP E 103 13.73 3.27 -9.28
N MET E 104 14.41 2.81 -8.22
CA MET E 104 14.02 1.56 -7.58
C MET E 104 12.66 1.67 -6.90
N GLU E 105 12.32 2.86 -6.40
CA GLU E 105 10.99 3.05 -5.80
C GLU E 105 9.89 2.89 -6.84
N ARG E 106 10.10 3.42 -8.05
CA ARG E 106 9.10 3.27 -9.10
C ARG E 106 8.99 1.82 -9.56
N LEU E 107 10.09 1.06 -9.48
CA LEU E 107 10.06 -0.35 -9.83
C LEU E 107 9.35 -1.21 -8.79
N ASN E 108 9.21 -0.70 -7.56
CA ASN E 108 8.58 -1.43 -6.47
C ASN E 108 7.05 -1.42 -6.55
N ILE E 109 6.48 -0.64 -7.46
CA ILE E 109 5.02 -0.48 -7.52
C ILE E 109 4.41 -1.65 -8.29
N TYR E 110 3.27 -2.13 -7.80
CA TYR E 110 2.47 -3.21 -8.39
C TYR E 110 3.13 -4.57 -8.24
N ILE F 9 33.33 -24.80 -12.71
CA ILE F 9 33.81 -23.43 -12.84
C ILE F 9 34.79 -23.13 -11.71
N ASN F 10 35.95 -23.79 -11.73
CA ASN F 10 36.97 -23.53 -10.70
C ASN F 10 37.85 -22.43 -11.23
N ILE F 11 37.47 -21.18 -10.93
CA ILE F 11 38.20 -20.01 -11.42
C ILE F 11 39.61 -19.98 -10.87
N ALA F 12 39.83 -20.51 -9.67
CA ALA F 12 41.16 -20.55 -9.09
C ALA F 12 42.10 -21.47 -9.86
N GLU F 13 41.56 -22.42 -10.63
CA GLU F 13 42.37 -23.32 -11.44
C GLU F 13 42.50 -22.83 -12.89
N TRP F 14 42.07 -21.61 -13.18
CA TRP F 14 42.19 -21.07 -14.52
C TRP F 14 43.65 -20.98 -14.96
N THR F 15 43.91 -21.41 -16.19
CA THR F 15 45.19 -21.16 -16.81
C THR F 15 45.33 -19.67 -17.15
N PRO F 16 46.54 -19.19 -17.42
CA PRO F 16 46.67 -17.81 -17.92
C PRO F 16 45.85 -17.55 -19.17
N ASP F 17 45.69 -18.55 -20.04
CA ASP F 17 44.87 -18.36 -21.23
C ASP F 17 43.41 -18.12 -20.88
N GLN F 18 42.88 -18.87 -19.91
CA GLN F 18 41.52 -18.64 -19.46
C GLN F 18 41.37 -17.28 -18.79
N VAL F 19 42.42 -16.82 -18.09
CA VAL F 19 42.39 -15.50 -17.48
C VAL F 19 42.30 -14.42 -18.54
N THR F 20 43.15 -14.50 -19.56
CA THR F 20 43.12 -13.50 -20.63
C THR F 20 41.87 -13.61 -21.47
N ASP F 21 41.36 -14.83 -21.67
CA ASP F 21 40.06 -15.00 -22.31
C ASP F 21 38.97 -14.21 -21.58
N TRP F 22 39.00 -14.26 -20.24
CA TRP F 22 38.00 -13.54 -19.46
C TRP F 22 38.29 -12.04 -19.40
N ILE F 23 39.55 -11.66 -19.23
CA ILE F 23 39.91 -10.25 -19.16
C ILE F 23 39.49 -9.51 -20.44
N LYS F 24 39.62 -10.19 -21.58
CA LYS F 24 39.33 -9.54 -22.86
C LYS F 24 37.89 -9.03 -22.93
N GLY F 25 36.96 -9.72 -22.31
CA GLY F 25 35.56 -9.34 -22.37
C GLY F 25 35.15 -8.19 -21.45
N LEU F 26 36.05 -7.72 -20.59
CA LEU F 26 35.67 -6.68 -19.63
C LEU F 26 35.49 -5.33 -20.31
N ASP F 27 36.40 -4.99 -21.23
CA ASP F 27 36.42 -3.66 -21.83
C ASP F 27 37.43 -3.67 -22.97
N GLU F 28 37.19 -2.82 -23.96
CA GLU F 28 38.14 -2.67 -25.06
C GLU F 28 39.52 -2.25 -24.54
N SER F 29 39.57 -1.51 -23.44
CA SER F 29 40.85 -1.05 -22.88
C SER F 29 41.71 -2.21 -22.42
N MET F 30 41.14 -3.40 -22.19
CA MET F 30 41.92 -4.52 -21.71
C MET F 30 42.82 -5.12 -22.77
N LYS F 31 42.54 -4.85 -24.06
CA LYS F 31 43.26 -5.51 -25.13
C LYS F 31 44.75 -5.19 -25.11
N GLY F 32 45.13 -4.01 -24.60
CA GLY F 32 46.53 -3.64 -24.55
C GLY F 32 47.35 -4.37 -23.51
N TYR F 33 46.70 -5.12 -22.61
CA TYR F 33 47.37 -5.75 -21.49
C TYR F 33 47.39 -7.28 -21.56
N LEU F 34 46.69 -7.87 -22.53
CA LEU F 34 46.60 -9.33 -22.59
C LEU F 34 47.97 -9.98 -22.73
N TYR F 35 48.85 -9.38 -23.52
CA TYR F 35 50.19 -9.93 -23.71
C TYR F 35 50.94 -10.04 -22.38
N GLU F 36 50.84 -9.01 -21.52
CA GLU F 36 51.60 -9.04 -20.28
C GLU F 36 51.00 -10.01 -19.27
N PHE F 37 49.67 -10.14 -19.24
CA PHE F 37 49.05 -11.18 -18.41
C PHE F 37 49.59 -12.56 -18.76
N SER F 38 49.69 -12.86 -20.06
CA SER F 38 50.23 -14.15 -20.49
C SER F 38 51.73 -14.25 -20.21
N LYS F 39 52.48 -13.17 -20.45
CA LYS F 39 53.92 -13.21 -20.27
C LYS F 39 54.29 -13.47 -18.81
N GLN F 40 53.60 -12.83 -17.88
CA GLN F 40 53.84 -13.06 -16.47
C GLN F 40 53.00 -14.21 -15.91
N GLU F 41 52.26 -14.91 -16.78
CA GLU F 41 51.56 -16.14 -16.43
C GLU F 41 50.60 -15.93 -15.27
N ILE F 42 49.73 -14.93 -15.41
CA ILE F 42 48.72 -14.65 -14.39
C ILE F 42 47.64 -15.73 -14.50
N GLY F 43 47.62 -16.66 -13.55
CA GLY F 43 46.62 -17.70 -13.50
C GLY F 43 45.43 -17.29 -12.65
N GLY F 44 44.53 -18.25 -12.45
CA GLY F 44 43.30 -17.95 -11.73
C GLY F 44 43.53 -17.53 -10.29
N ARG F 45 44.48 -18.18 -9.62
CA ARG F 45 44.78 -17.85 -8.23
C ARG F 45 45.33 -16.44 -8.11
N ALA F 46 46.27 -16.07 -8.98
CA ALA F 46 46.82 -14.71 -8.95
C ALA F 46 45.77 -13.68 -9.33
N LEU F 47 44.87 -14.02 -10.25
CA LEU F 47 43.83 -13.09 -10.67
C LEU F 47 42.87 -12.78 -9.52
N LEU F 48 42.44 -13.82 -8.80
CA LEU F 48 41.45 -13.64 -7.75
C LEU F 48 41.95 -12.76 -6.60
N ASN F 49 43.25 -12.66 -6.42
CA ASN F 49 43.83 -11.85 -5.34
C ASN F 49 44.62 -10.66 -5.87
N ILE F 50 44.37 -10.24 -7.11
CA ILE F 50 45.23 -9.25 -7.74
C ILE F 50 45.03 -7.89 -7.08
N ARG F 51 46.13 -7.16 -6.91
CA ARG F 51 46.16 -5.87 -6.23
C ARG F 51 46.64 -4.80 -7.20
N PRO F 52 46.40 -3.52 -6.88
CA PRO F 52 46.82 -2.44 -7.80
C PRO F 52 48.29 -2.48 -8.18
N TYR F 53 49.21 -2.71 -7.23
CA TYR F 53 50.62 -2.70 -7.58
C TYR F 53 50.98 -3.86 -8.51
N GLU F 54 50.25 -4.97 -8.42
CA GLU F 54 50.48 -6.07 -9.35
C GLU F 54 49.98 -5.73 -10.75
N LEU F 55 48.86 -5.01 -10.84
CA LEU F 55 48.42 -4.49 -12.14
C LEU F 55 49.45 -3.52 -12.70
N GLU F 56 50.07 -2.71 -11.83
CA GLU F 56 51.11 -1.78 -12.27
C GLU F 56 52.35 -2.54 -12.73
N ASN F 57 52.68 -3.66 -12.07
CA ASN F 57 53.76 -4.51 -12.56
C ASN F 57 53.45 -5.08 -13.94
N LEU F 58 52.17 -5.20 -14.29
CA LEU F 58 51.76 -5.64 -15.61
C LEU F 58 51.70 -4.51 -16.62
N GLY F 59 52.11 -3.30 -16.24
CA GLY F 59 52.04 -2.16 -17.14
C GLY F 59 50.74 -1.41 -17.13
N MET F 60 49.78 -1.79 -16.28
CA MET F 60 48.49 -1.12 -16.21
C MET F 60 48.61 0.02 -15.21
N LEU F 61 49.11 1.15 -15.70
CA LEU F 61 49.34 2.32 -14.85
C LEU F 61 48.13 3.23 -14.74
N ARG F 62 47.24 3.21 -15.73
CA ARG F 62 46.04 4.04 -15.67
C ARG F 62 45.09 3.51 -14.61
N ILE F 63 44.78 4.34 -13.62
CA ILE F 63 43.90 3.92 -12.53
C ILE F 63 42.51 3.58 -13.05
N GLY F 64 42.05 4.29 -14.09
CA GLY F 64 40.78 3.94 -14.70
C GLY F 64 40.75 2.51 -15.24
N HIS F 65 41.86 2.07 -15.83
CA HIS F 65 41.94 0.69 -16.30
C HIS F 65 42.01 -0.29 -15.14
N GLN F 66 42.77 0.04 -14.09
CA GLN F 66 42.84 -0.81 -12.91
C GLN F 66 41.46 -1.07 -12.33
N GLU F 67 40.62 -0.04 -12.26
CA GLU F 67 39.30 -0.20 -11.65
C GLU F 67 38.37 -1.05 -12.51
N ILE F 68 38.60 -1.11 -13.83
CA ILE F 68 37.87 -2.05 -14.67
C ILE F 68 38.16 -3.48 -14.22
N VAL F 69 39.44 -3.81 -14.02
CA VAL F 69 39.82 -5.15 -13.57
C VAL F 69 39.32 -5.40 -12.15
N LEU F 70 39.59 -4.46 -11.25
CA LEU F 70 39.30 -4.68 -9.84
C LEU F 70 37.80 -4.81 -9.58
N GLU F 71 36.98 -4.00 -10.24
CA GLU F 71 35.53 -4.14 -10.10
C GLU F 71 35.06 -5.50 -10.63
N ALA F 72 35.59 -5.91 -11.77
CA ALA F 72 35.17 -7.19 -12.36
C ALA F 72 35.64 -8.36 -11.50
N VAL F 73 36.86 -8.29 -10.97
CA VAL F 73 37.38 -9.39 -10.15
C VAL F 73 36.57 -9.51 -8.86
N GLU F 74 36.12 -8.38 -8.31
CA GLU F 74 35.30 -8.43 -7.10
C GLU F 74 34.00 -9.18 -7.33
N ASN F 75 33.38 -8.98 -8.51
CA ASN F 75 32.21 -9.78 -8.85
C ASN F 75 32.60 -11.25 -9.03
N LEU F 76 33.74 -11.50 -9.66
CA LEU F 76 34.22 -12.86 -9.86
C LEU F 76 34.52 -13.53 -8.52
N ARG F 77 35.09 -12.79 -7.57
CA ARG F 77 35.38 -13.35 -6.25
C ARG F 77 34.10 -13.75 -5.52
N ASN F 78 33.06 -12.92 -5.59
CA ASN F 78 31.81 -13.25 -4.93
C ASN F 78 31.17 -14.49 -5.54
N PHE F 79 31.22 -14.60 -6.87
CA PHE F 79 30.68 -15.78 -7.54
C PHE F 79 31.47 -17.04 -7.18
N HIS F 80 32.79 -16.91 -7.03
CA HIS F 80 33.60 -18.10 -6.83
C HIS F 80 33.64 -18.53 -5.36
N TYR F 81 33.68 -17.58 -4.43
CA TYR F 81 33.87 -17.89 -3.03
C TYR F 81 32.58 -17.90 -2.22
N HIS F 82 31.53 -17.21 -2.66
CA HIS F 82 30.37 -16.97 -1.81
C HIS F 82 29.05 -17.29 -2.51
N LEU F 83 29.07 -18.23 -3.46
CA LEU F 83 27.82 -18.60 -4.13
C LEU F 83 26.81 -19.16 -3.15
N LYS F 84 27.26 -19.87 -2.11
CA LYS F 84 26.34 -20.46 -1.16
C LYS F 84 25.57 -19.40 -0.37
N ASN F 85 26.17 -18.24 -0.14
CA ASN F 85 25.54 -17.17 0.62
C ASN F 85 24.88 -16.12 -0.26
N ASP F 86 24.68 -16.40 -1.55
CA ASP F 86 24.05 -15.44 -2.45
C ASP F 86 22.54 -15.50 -2.24
N ASN F 87 22.10 -14.93 -1.12
CA ASN F 87 20.70 -14.97 -0.73
C ASN F 87 20.37 -13.70 0.06
N LEU F 88 19.08 -13.56 0.41
CA LEU F 88 18.62 -12.33 1.04
C LEU F 88 19.21 -12.14 2.43
N GLN F 89 19.41 -13.24 3.18
CA GLN F 89 19.91 -13.11 4.55
C GLN F 89 21.32 -12.50 4.58
N PHE F 90 22.22 -13.00 3.73
CA PHE F 90 23.57 -12.48 3.74
C PHE F 90 23.69 -11.14 3.04
N MET F 91 22.78 -10.82 2.12
CA MET F 91 22.69 -9.44 1.64
C MET F 91 22.29 -8.50 2.76
N ALA F 92 21.33 -8.92 3.60
CA ALA F 92 20.95 -8.11 4.75
C ALA F 92 22.08 -8.02 5.77
N LEU F 93 22.89 -9.07 5.89
CA LEU F 93 24.04 -9.01 6.78
C LEU F 93 25.03 -7.94 6.34
N HIS F 94 25.25 -7.81 5.03
CA HIS F 94 26.10 -6.73 4.54
C HIS F 94 25.51 -5.36 4.89
N VAL F 95 24.19 -5.22 4.77
CA VAL F 95 23.54 -3.95 5.11
C VAL F 95 23.71 -3.64 6.59
N ALA F 96 23.45 -4.64 7.45
CA ALA F 96 23.61 -4.44 8.88
C ALA F 96 25.04 -4.07 9.23
N THR F 97 26.01 -4.68 8.55
CA THR F 97 27.42 -4.39 8.82
C THR F 97 27.76 -2.95 8.44
N ALA F 98 27.31 -2.50 7.27
CA ALA F 98 27.61 -1.14 6.84
C ALA F 98 26.90 -0.11 7.73
N ALA F 99 25.66 -0.39 8.11
CA ALA F 99 24.92 0.53 8.98
C ALA F 99 25.57 0.64 10.35
N LYS F 100 25.97 -0.49 10.95
CA LYS F 100 26.65 -0.44 12.23
C LYS F 100 27.99 0.26 12.12
N ASN F 101 28.71 0.05 11.01
CA ASN F 101 29.97 0.75 10.81
C ASN F 101 29.74 2.26 10.74
N LEU F 102 28.70 2.68 10.01
CA LEU F 102 28.35 4.10 9.97
C LEU F 102 27.99 4.62 11.36
N HIS F 103 27.30 3.80 12.16
CA HIS F 103 26.92 4.21 13.50
C HIS F 103 28.15 4.44 14.37
N ARG F 104 29.13 3.53 14.31
CA ARG F 104 30.35 3.69 15.11
C ARG F 104 31.13 4.93 14.70
N GLU F 105 31.17 5.21 13.39
CA GLU F 105 31.88 6.39 12.91
C GLU F 105 31.24 7.69 13.42
N LEU F 106 29.93 7.68 13.62
CA LEU F 106 29.22 8.86 14.11
C LEU F 106 29.46 9.12 15.60
N ALA F 107 29.99 8.15 16.33
CA ALA F 107 30.32 8.37 17.73
C ALA F 107 31.65 9.06 17.92
N ARG F 108 32.47 9.13 16.87
CA ARG F 108 33.69 9.94 16.88
C ARG F 108 33.44 11.36 16.43
N ASN F 109 32.17 11.74 16.22
CA ASN F 109 31.84 13.09 15.79
C ASN F 109 30.84 13.72 16.75
N SER F 113 26.83 18.00 14.41
CA SER F 113 27.65 19.16 14.10
C SER F 113 27.09 19.92 12.91
N THR F 114 27.91 20.78 12.31
CA THR F 114 27.48 21.57 11.16
C THR F 114 27.78 20.84 9.86
N LYS F 115 29.01 20.99 9.38
CA LYS F 115 29.43 20.33 8.14
C LYS F 115 29.66 18.84 8.39
N ILE F 116 29.11 18.01 7.52
CA ILE F 116 29.26 16.57 7.64
C ILE F 116 30.64 16.16 7.13
N ASP F 117 31.35 15.37 7.94
CA ASP F 117 32.67 14.89 7.57
C ASP F 117 32.62 14.10 6.27
N THR F 118 33.66 14.27 5.44
CA THR F 118 33.75 13.50 4.21
C THR F 118 33.76 12.00 4.48
N ARG F 119 34.39 11.60 5.59
CA ARG F 119 34.38 10.20 5.98
C ARG F 119 32.97 9.68 6.20
N ILE F 120 32.14 10.47 6.88
CA ILE F 120 30.75 10.07 7.10
C ILE F 120 29.98 10.02 5.80
N LEU F 121 30.17 11.03 4.94
CA LEU F 121 29.54 11.01 3.63
C LEU F 121 29.94 9.76 2.84
N HIS F 122 31.21 9.38 2.92
CA HIS F 122 31.66 8.17 2.23
C HIS F 122 31.00 6.92 2.81
N ASP F 123 30.92 6.84 4.14
CA ASP F 123 30.24 5.70 4.76
C ASP F 123 28.78 5.62 4.36
N ILE F 124 28.15 6.77 4.10
CA ILE F 124 26.75 6.77 3.69
C ILE F 124 26.61 6.20 2.28
N THR F 125 27.52 6.58 1.38
CA THR F 125 27.49 6.01 0.03
C THR F 125 27.80 4.53 0.05
N ARG F 126 28.75 4.11 0.89
CA ARG F 126 29.05 2.69 1.02
C ARG F 126 27.87 1.93 1.61
N THR F 127 27.16 2.55 2.56
CA THR F 127 25.98 1.92 3.13
C THR F 127 24.87 1.79 2.09
N ILE F 128 24.61 2.86 1.35
CA ILE F 128 23.58 2.83 0.31
C ILE F 128 23.91 1.78 -0.75
N ALA F 129 25.20 1.58 -1.05
CA ALA F 129 25.59 0.59 -2.03
C ALA F 129 25.14 -0.80 -1.63
N THR F 130 25.18 -1.11 -0.33
CA THR F 130 24.74 -2.44 0.11
C THR F 130 23.24 -2.66 -0.05
N LEU F 131 22.44 -1.60 -0.14
CA LEU F 131 21.01 -1.78 -0.35
C LEU F 131 20.69 -2.23 -1.77
N LYS F 132 21.53 -1.89 -2.73
CA LYS F 132 21.19 -2.14 -4.14
C LYS F 132 21.04 -3.63 -4.44
N PRO F 133 21.93 -4.53 -4.01
CA PRO F 133 21.65 -5.96 -4.25
C PRO F 133 20.45 -6.46 -3.47
N LEU F 134 20.24 -5.94 -2.25
CA LEU F 134 19.09 -6.34 -1.44
C LEU F 134 17.79 -5.94 -2.14
N VAL F 135 17.67 -4.67 -2.53
CA VAL F 135 16.45 -4.20 -3.19
C VAL F 135 16.27 -4.91 -4.53
N GLY F 136 17.36 -5.07 -5.28
CA GLY F 136 17.27 -5.78 -6.55
C GLY F 136 16.74 -7.19 -6.39
N SER F 137 17.15 -7.88 -5.33
CA SER F 137 16.64 -9.22 -5.07
C SER F 137 15.18 -9.17 -4.63
N LEU F 138 14.81 -8.16 -3.85
CA LEU F 138 13.43 -8.04 -3.39
C LEU F 138 12.46 -7.78 -4.54
N GLU F 139 12.94 -7.15 -5.62
CA GLU F 139 12.09 -6.80 -6.76
C GLU F 139 12.13 -7.86 -7.86
N ARG F 140 12.56 -9.07 -7.54
CA ARG F 140 12.52 -10.19 -8.46
C ARG F 140 11.90 -11.40 -7.75
N THR F 141 11.58 -12.42 -8.53
CA THR F 141 11.07 -13.66 -7.97
C THR F 141 12.10 -14.26 -7.01
N PRO F 142 11.65 -14.89 -5.92
CA PRO F 142 10.26 -15.16 -5.51
C PRO F 142 9.70 -14.12 -4.55
N PHE F 143 10.43 -13.05 -4.26
CA PHE F 143 9.96 -12.03 -3.35
C PHE F 143 9.11 -10.96 -4.04
N ARG F 144 9.24 -10.82 -5.36
CA ARG F 144 8.57 -9.75 -6.08
C ARG F 144 7.06 -9.79 -5.89
N LYS F 145 6.48 -10.99 -5.90
CA LYS F 145 5.03 -11.14 -5.89
C LYS F 145 4.47 -11.42 -4.49
N GLN F 146 5.24 -11.13 -3.45
CA GLN F 146 4.76 -11.23 -2.07
C GLN F 146 4.60 -9.83 -1.51
N GLU F 147 3.40 -9.54 -1.02
CA GLU F 147 3.06 -8.16 -0.63
C GLU F 147 3.92 -7.67 0.52
N MET F 148 4.20 -8.53 1.50
CA MET F 148 4.95 -8.07 2.67
C MET F 148 6.40 -7.74 2.30
N TYR F 149 7.01 -8.52 1.40
CA TYR F 149 8.35 -8.19 0.94
C TYR F 149 8.36 -6.90 0.13
N ARG F 150 7.27 -6.59 -0.57
CA ARG F 150 7.19 -5.31 -1.25
C ARG F 150 7.12 -4.15 -0.26
N GLU F 151 6.35 -4.32 0.82
CA GLU F 151 6.32 -3.30 1.86
C GLU F 151 7.68 -3.17 2.53
N TYR F 152 8.35 -4.30 2.79
CA TYR F 152 9.69 -4.26 3.36
C TYR F 152 10.66 -3.53 2.42
N CYS F 153 10.61 -3.84 1.13
CA CYS F 153 11.45 -3.17 0.16
C CYS F 153 11.20 -1.66 0.17
N GLY F 154 9.94 -1.24 0.28
CA GLY F 154 9.64 0.17 0.33
C GLY F 154 10.23 0.86 1.55
N ASN F 155 10.23 0.16 2.70
CA ASN F 155 10.81 0.74 3.90
C ASN F 155 12.33 0.89 3.79
N VAL F 156 13.00 -0.10 3.18
CA VAL F 156 14.44 0.00 2.99
C VAL F 156 14.77 1.16 2.06
N LEU F 157 14.02 1.30 0.97
CA LEU F 157 14.25 2.40 0.03
C LEU F 157 13.93 3.74 0.68
N LYS F 158 12.87 3.79 1.48
CA LYS F 158 12.52 5.03 2.19
C LYS F 158 13.62 5.42 3.17
N CYS F 159 14.15 4.46 3.91
CA CYS F 159 15.24 4.75 4.85
C CYS F 159 16.50 5.17 4.10
N GLY F 160 16.82 4.49 3.00
CA GLY F 160 17.99 4.86 2.22
C GLY F 160 17.89 6.26 1.63
N LEU F 161 16.72 6.61 1.10
CA LEU F 161 16.51 7.95 0.57
C LEU F 161 16.69 9.00 1.67
N GLU F 162 16.18 8.70 2.87
CA GLU F 162 16.35 9.61 4.00
C GLU F 162 17.83 9.82 4.30
N LEU F 163 18.60 8.73 4.33
CA LEU F 163 20.05 8.83 4.54
C LEU F 163 20.71 9.67 3.45
N ALA F 164 20.39 9.37 2.18
CA ALA F 164 21.06 10.04 1.07
C ALA F 164 20.70 11.51 0.99
N THR F 165 19.42 11.85 1.17
CA THR F 165 19.00 13.25 1.01
C THR F 165 19.53 14.10 2.16
N ILE F 166 19.58 13.56 3.37
CA ILE F 166 20.18 14.28 4.48
C ILE F 166 21.66 14.49 4.25
N ALA F 167 22.36 13.44 3.79
CA ALA F 167 23.79 13.55 3.52
C ALA F 167 24.05 14.57 2.43
N HIS F 168 23.28 14.51 1.34
CA HIS F 168 23.39 15.51 0.29
C HIS F 168 22.80 16.85 0.70
N ARG F 169 22.32 16.95 1.95
CA ARG F 169 21.77 18.18 2.51
C ARG F 169 20.53 18.66 1.77
N ASP F 170 19.79 17.73 1.17
CA ASP F 170 18.52 18.05 0.52
C ASP F 170 17.34 18.01 1.48
N ARG F 171 17.54 17.56 2.72
CA ARG F 171 16.42 17.34 3.62
C ARG F 171 16.63 18.18 4.88
N PHE F 172 17.10 17.57 5.98
CA PHE F 172 17.14 18.23 7.28
C PHE F 172 17.89 19.55 7.25
N ALA F 173 19.20 19.50 7.03
CA ALA F 173 20.05 20.69 6.99
C ALA F 173 19.94 21.51 8.27
N LEU F 174 20.10 20.82 9.40
CA LEU F 174 20.05 21.46 10.72
C LEU F 174 21.04 20.79 11.65
N GLN F 175 20.64 19.67 12.26
CA GLN F 175 21.47 18.87 13.15
C GLN F 175 21.64 17.50 12.49
N PRO F 176 22.49 17.40 11.46
CA PRO F 176 22.52 16.18 10.64
C PRO F 176 23.05 14.96 11.37
N VAL F 177 24.07 15.10 12.21
CA VAL F 177 24.69 13.92 12.83
C VAL F 177 23.71 13.11 13.66
N PRO F 178 22.88 13.71 14.52
CA PRO F 178 21.84 12.88 15.18
C PRO F 178 20.83 12.29 14.21
N ALA F 179 20.48 13.04 13.15
CA ALA F 179 19.53 12.53 12.18
C ALA F 179 20.11 11.36 11.38
N ILE F 180 21.37 11.46 10.98
CA ILE F 180 22.03 10.36 10.28
C ILE F 180 22.10 9.13 11.18
N ARG F 181 22.38 9.35 12.47
CA ARG F 181 22.46 8.24 13.41
C ARG F 181 21.12 7.52 13.54
N GLN F 182 20.02 8.27 13.53
CA GLN F 182 18.70 7.66 13.61
C GLN F 182 18.40 6.82 12.37
N SER F 183 18.79 7.31 11.20
CA SER F 183 18.58 6.54 9.98
C SER F 183 19.44 5.29 9.97
N ALA F 184 20.68 5.37 10.46
CA ALA F 184 21.55 4.21 10.52
C ALA F 184 20.99 3.14 11.44
N GLU F 185 20.42 3.55 12.58
CA GLU F 185 19.79 2.60 13.48
C GLU F 185 18.56 1.99 12.84
N ARG F 186 17.76 2.81 12.14
CA ARG F 186 16.58 2.31 11.44
C ARG F 186 16.98 1.32 10.36
N LEU F 187 18.04 1.60 9.61
CA LEU F 187 18.49 0.68 8.58
C LEU F 187 19.00 -0.62 9.18
N GLU F 188 19.70 -0.53 10.32
CA GLU F 188 20.13 -1.74 11.03
C GLU F 188 18.93 -2.57 11.46
N ASN F 189 17.88 -1.91 11.95
CA ASN F 189 16.65 -2.63 12.33
C ASN F 189 16.01 -3.29 11.11
N LEU F 190 15.97 -2.57 9.98
CA LEU F 190 15.39 -3.14 8.77
C LEU F 190 16.17 -4.35 8.30
N ALA F 191 17.50 -4.28 8.34
CA ALA F 191 18.31 -5.44 7.99
C ALA F 191 18.01 -6.62 8.92
N ASN F 192 17.83 -6.36 10.20
CA ASN F 192 17.55 -7.42 11.17
C ASN F 192 16.16 -8.03 10.99
N PHE F 193 15.26 -7.36 10.25
CA PHE F 193 13.99 -8.00 9.93
C PHE F 193 14.20 -9.31 9.20
N VAL F 194 15.14 -9.33 8.25
CA VAL F 194 15.49 -10.57 7.55
C VAL F 194 16.29 -11.48 8.46
N ILE F 195 17.30 -10.92 9.15
CA ILE F 195 18.29 -11.74 9.85
C ILE F 195 17.69 -12.38 11.09
N GLN F 196 16.85 -11.65 11.81
CA GLN F 196 16.41 -12.06 13.13
C GLN F 196 14.93 -12.40 13.25
N ASP F 197 14.05 -11.69 12.53
CA ASP F 197 12.63 -11.80 12.86
C ASP F 197 11.88 -12.83 12.02
N ILE F 198 12.20 -12.96 10.74
CA ILE F 198 11.52 -13.89 9.84
C ILE F 198 12.22 -15.24 9.82
N SER F 199 11.43 -16.31 9.76
CA SER F 199 11.95 -17.67 9.63
C SER F 199 11.74 -18.24 8.23
N ASP F 200 11.32 -17.40 7.27
CA ASP F 200 11.13 -17.83 5.89
C ASP F 200 12.38 -18.53 5.38
N PRO F 201 12.30 -19.82 5.03
CA PRO F 201 13.48 -20.54 4.55
C PRO F 201 14.06 -19.99 3.26
N MET F 202 13.28 -19.21 2.50
CA MET F 202 13.74 -18.72 1.20
C MET F 202 14.93 -17.77 1.33
N VAL F 203 15.01 -17.04 2.44
CA VAL F 203 16.10 -16.08 2.63
C VAL F 203 17.44 -16.74 2.90
N LEU F 204 17.46 -18.04 3.22
CA LEU F 204 18.68 -18.76 3.52
C LEU F 204 19.04 -19.77 2.44
N GLN F 205 18.32 -19.78 1.32
CA GLN F 205 18.56 -20.76 0.27
C GLN F 205 19.88 -20.46 -0.45
N PRO F 206 20.75 -21.44 -0.62
CA PRO F 206 21.96 -21.21 -1.42
C PRO F 206 21.62 -21.06 -2.89
N ALA F 207 22.46 -20.32 -3.61
CA ALA F 207 22.33 -20.23 -5.05
C ALA F 207 23.01 -21.43 -5.71
N SER F 208 22.44 -21.87 -6.83
CA SER F 208 22.94 -23.02 -7.55
C SER F 208 23.19 -22.65 -9.01
N LEU F 209 24.04 -23.43 -9.65
CA LEU F 209 24.35 -23.28 -11.07
C LEU F 209 23.69 -24.41 -11.85
N ASN F 210 23.18 -24.08 -13.04
CA ASN F 210 22.52 -25.06 -13.89
C ASN F 210 22.97 -24.88 -15.33
N LEU F 211 23.14 -26.00 -16.03
CA LEU F 211 23.44 -25.99 -17.45
C LEU F 211 22.13 -26.06 -18.23
N VAL F 212 21.92 -25.11 -19.13
CA VAL F 212 20.74 -25.06 -19.98
C VAL F 212 21.19 -25.06 -21.44
N THR F 213 20.79 -26.08 -22.19
CA THR F 213 21.12 -26.20 -23.59
C THR F 213 19.93 -25.73 -24.43
N LEU F 214 20.19 -24.81 -25.37
CA LEU F 214 19.16 -24.25 -26.22
C LEU F 214 19.47 -24.52 -27.68
N LYS F 215 18.45 -24.85 -28.45
CA LYS F 215 18.58 -25.05 -29.89
C LYS F 215 17.82 -23.97 -30.65
N PHE F 223 14.32 -14.83 -25.64
CA PHE F 223 14.49 -14.02 -24.45
C PHE F 223 15.51 -12.90 -24.69
N ASN F 224 15.49 -11.90 -23.82
CA ASN F 224 16.47 -10.83 -23.83
C ASN F 224 17.35 -10.91 -22.59
N ILE F 225 18.50 -10.23 -22.67
CA ILE F 225 19.46 -10.17 -21.58
C ILE F 225 19.54 -8.73 -21.10
N GLU F 226 19.21 -8.52 -19.82
CA GLU F 226 19.38 -7.23 -19.18
C GLU F 226 20.70 -7.25 -18.42
N SER F 227 21.60 -6.33 -18.77
CA SER F 227 22.93 -6.26 -18.18
C SER F 227 23.02 -5.03 -17.30
N SER F 228 23.38 -5.22 -16.04
CA SER F 228 23.68 -4.09 -15.19
C SER F 228 24.94 -3.39 -15.70
N TYR F 229 25.19 -2.19 -15.16
CA TYR F 229 26.37 -1.44 -15.60
C TYR F 229 27.66 -2.16 -15.25
N ASN F 230 27.67 -2.95 -14.18
CA ASN F 230 28.87 -3.60 -13.68
C ASN F 230 29.04 -5.03 -14.20
N GLY F 231 28.25 -5.43 -15.19
CA GLY F 231 28.45 -6.72 -15.83
C GLY F 231 27.75 -7.89 -15.19
N ILE F 232 26.57 -7.70 -14.62
CA ILE F 232 25.71 -8.79 -14.18
C ILE F 232 24.58 -8.93 -15.19
N HIS F 233 24.46 -10.11 -15.77
CA HIS F 233 23.60 -10.34 -16.94
C HIS F 233 22.45 -11.25 -16.56
N ARG F 234 21.22 -10.74 -16.69
CA ARG F 234 20.02 -11.44 -16.25
C ARG F 234 19.08 -11.69 -17.42
N VAL F 235 18.40 -12.84 -17.39
CA VAL F 235 17.42 -13.16 -18.41
C VAL F 235 16.14 -12.36 -18.16
N THR F 236 15.57 -11.82 -19.23
CA THR F 236 14.31 -11.08 -19.13
C THR F 236 13.45 -11.41 -20.34
N ASP F 237 12.17 -11.12 -20.21
CA ASP F 237 11.19 -11.32 -21.28
C ASP F 237 11.15 -12.77 -21.74
N LYS F 249 13.77 -24.45 -18.42
CA LYS F 249 14.68 -24.53 -17.28
C LYS F 249 15.32 -23.18 -16.99
N ILE F 250 14.82 -22.14 -17.65
CA ILE F 250 15.32 -20.78 -17.50
C ILE F 250 14.13 -19.88 -17.19
N GLU F 251 14.25 -19.06 -16.14
CA GLU F 251 13.19 -18.16 -15.73
C GLU F 251 13.67 -16.72 -15.79
N ASP F 252 12.70 -15.80 -15.75
CA ASP F 252 13.01 -14.38 -15.74
C ASP F 252 13.82 -14.03 -14.50
N GLY F 253 14.82 -13.17 -14.68
CA GLY F 253 15.67 -12.75 -13.59
C GLY F 253 16.86 -13.66 -13.34
N ASP F 254 16.88 -14.84 -13.95
CA ASP F 254 18.01 -15.74 -13.80
C ASP F 254 19.27 -15.12 -14.38
N GLU F 255 20.39 -15.30 -13.68
CA GLU F 255 21.66 -14.71 -14.08
C GLU F 255 22.45 -15.68 -14.95
N ILE F 256 22.93 -15.19 -16.08
CA ILE F 256 23.79 -15.96 -16.97
C ILE F 256 25.24 -15.70 -16.57
N VAL F 257 25.94 -16.76 -16.16
CA VAL F 257 27.34 -16.63 -15.77
C VAL F 257 28.30 -17.18 -16.81
N GLN F 258 27.87 -18.09 -17.69
CA GLN F 258 28.71 -18.60 -18.76
C GLN F 258 27.89 -18.78 -20.03
N ILE F 259 28.57 -18.64 -21.17
CA ILE F 259 28.02 -18.95 -22.48
C ILE F 259 28.99 -19.91 -23.15
N ASN F 260 28.55 -21.15 -23.40
CA ASN F 260 29.40 -22.20 -23.95
C ASN F 260 30.68 -22.37 -23.14
N TYR F 261 30.51 -22.42 -21.82
CA TYR F 261 31.56 -22.67 -20.84
C TYR F 261 32.59 -21.56 -20.76
N GLN F 262 32.34 -20.40 -21.37
CA GLN F 262 33.15 -19.21 -21.18
C GLN F 262 32.48 -18.32 -20.12
N THR F 263 33.16 -18.12 -19.00
CA THR F 263 32.64 -17.27 -17.95
C THR F 263 32.53 -15.83 -18.44
N VAL F 264 31.37 -15.22 -18.21
CA VAL F 264 31.09 -13.87 -18.68
C VAL F 264 30.72 -12.94 -17.52
N VAL F 265 30.89 -13.39 -16.28
CA VAL F 265 30.64 -12.50 -15.14
C VAL F 265 31.56 -11.30 -15.23
N GLY F 266 30.98 -10.10 -15.20
CA GLY F 266 31.73 -8.88 -15.32
C GLY F 266 31.89 -8.36 -16.73
N TRP F 267 31.56 -9.16 -17.74
CA TRP F 267 31.71 -8.73 -19.13
C TRP F 267 30.75 -7.58 -19.44
N GLN F 268 31.09 -6.83 -20.48
CA GLN F 268 30.19 -5.80 -20.99
C GLN F 268 28.96 -6.44 -21.63
N HIS F 269 27.90 -5.64 -21.74
CA HIS F 269 26.68 -6.13 -22.37
C HIS F 269 26.91 -6.45 -23.84
N ARG F 270 27.63 -5.57 -24.55
CA ARG F 270 27.83 -5.76 -25.98
C ARG F 270 28.61 -7.04 -26.28
N THR F 271 29.66 -7.31 -25.51
CA THR F 271 30.49 -8.47 -25.79
C THR F 271 29.80 -9.77 -25.41
N VAL F 272 28.87 -9.72 -24.46
CA VAL F 272 28.08 -10.90 -24.14
C VAL F 272 27.14 -11.24 -25.30
N LEU F 273 26.50 -10.22 -25.88
CA LEU F 273 25.64 -10.45 -27.03
C LEU F 273 26.44 -10.98 -28.22
N GLU F 274 27.62 -10.40 -28.48
CA GLU F 274 28.46 -10.89 -29.57
C GLU F 274 28.84 -12.36 -29.37
N HIS F 275 29.12 -12.74 -28.12
CA HIS F 275 29.49 -14.13 -27.85
C HIS F 275 28.29 -15.05 -28.02
N LEU F 276 27.10 -14.59 -27.63
CA LEU F 276 25.91 -15.41 -27.77
C LEU F 276 25.51 -15.55 -29.23
N ARG F 277 25.57 -14.47 -30.01
CA ARG F 277 25.23 -14.54 -31.42
C ARG F 277 26.18 -15.47 -32.18
N GLU F 278 27.48 -15.35 -31.93
CA GLU F 278 28.46 -16.20 -32.57
C GLU F 278 28.39 -17.65 -32.09
N ALA F 279 27.68 -17.92 -30.99
CA ALA F 279 27.61 -19.25 -30.42
C ALA F 279 26.83 -20.24 -31.27
N LEU F 280 26.24 -19.82 -32.40
CA LEU F 280 25.54 -20.71 -33.32
C LEU F 280 24.28 -21.26 -32.66
N PRO F 281 23.39 -21.96 -33.40
CA PRO F 281 22.18 -22.52 -32.77
C PRO F 281 22.44 -23.40 -31.55
N ASP F 282 23.64 -23.98 -31.44
CA ASP F 282 23.97 -24.83 -30.29
C ASP F 282 24.62 -23.95 -29.23
N VAL F 283 23.86 -23.62 -28.18
CA VAL F 283 24.35 -22.79 -27.08
C VAL F 283 24.06 -23.50 -25.76
N VAL F 284 25.06 -23.56 -24.88
CA VAL F 284 24.91 -24.08 -23.53
C VAL F 284 25.11 -22.93 -22.56
N LEU F 285 24.06 -22.59 -21.81
CA LEU F 285 24.12 -21.50 -20.84
C LEU F 285 24.30 -22.05 -19.44
N THR F 286 25.24 -21.48 -18.69
CA THR F 286 25.37 -21.73 -17.26
C THR F 286 24.62 -20.62 -16.51
N VAL F 287 23.60 -21.01 -15.75
CA VAL F 287 22.63 -20.08 -15.17
C VAL F 287 22.66 -20.21 -13.66
N LYS F 288 22.80 -19.08 -12.97
CA LYS F 288 22.62 -19.04 -11.52
C LYS F 288 21.13 -18.89 -11.19
N LYS F 289 20.65 -19.71 -10.28
CA LYS F 289 19.22 -19.80 -10.02
C LYS F 289 18.98 -20.46 -8.66
N ARG F 290 17.91 -20.02 -8.00
CA ARG F 290 17.67 -20.63 -6.70
C ARG F 290 16.88 -21.93 -6.85
N PRO F 291 17.21 -22.97 -6.06
CA PRO F 291 16.50 -24.25 -6.08
C PRO F 291 15.03 -24.11 -5.69
#